data_5U3L
#
_entry.id   5U3L
#
_cell.length_a   110.072
_cell.length_b   75.644
_cell.length_c   123.427
_cell.angle_alpha   90.00
_cell.angle_beta   94.11
_cell.angle_gamma   90.00
#
_symmetry.space_group_name_H-M   'C 1 2 1'
#
loop_
_entity.id
_entity.type
_entity.pdbx_description
1 polymer 'DH511.2 Fab Heavy Chain'
2 polymer 'DH511.2 Fab Light Chain'
3 polymer 'gp41 MPER peptide'
4 water water
#
loop_
_entity_poly.entity_id
_entity_poly.type
_entity_poly.pdbx_seq_one_letter_code
_entity_poly.pdbx_strand_id
1 'polypeptide(L)'
;QVQLVQSGGGLVKPGGSLTLSCSASGFFFDNSWMGWVRQAPGKGLEWVGRIRRLKDGATGEYGAAVKDRFTISRDDSRNM
LYLHMRTLKTEDSGTYYCTMDEGTPVTRFLEWGYFYYYMAVWGRGTTVIVSSASTKGPSVFPLAPSSKSTSGGTAALGCL
VKDYFPEPVTVSWNSGALTSGVHTFPAVLQSSGLYSLSSVVTVPSSSLGTQTYICNVNHKPSNTKVDKRVEP
;
H,A
2 'polypeptide(L)'
;DIVMTQSPSSVSASVGDRVTITCRASQNIRDYLNWYQHKPGGSPRLLIYAASTLQTGVPSRFSGSGSGNLFTLTITNLQP
EDFATYYCQENYNTIPSLSFGQGTKVDIRRTVAAPSVFIFPPSDEQLKSGTASVVCLLNNFYPREAKVQWKVDNALQSGN
SQESVTEQDSKDSTYSLSSTLTLSKADYEKHKVYACEVTHQGLSSPVTKSFNRG
;
L,B
3 'polypeptide(L)' KKKWNWFDITNWLWYIRKKK P,C
#
# COMPACT_ATOMS: atom_id res chain seq x y z
N GLN A 1 10.35 26.04 15.39
CA GLN A 1 9.15 26.52 14.62
C GLN A 1 8.12 25.41 14.49
N VAL A 2 6.94 25.78 14.00
CA VAL A 2 5.86 24.81 13.80
C VAL A 2 6.27 23.82 12.71
N GLN A 3 6.06 22.53 12.97
CA GLN A 3 6.32 21.48 12.01
C GLN A 3 5.07 20.65 11.82
N LEU A 4 4.72 20.41 10.55
CA LEU A 4 3.56 19.59 10.20
C LEU A 4 4.03 18.53 9.21
N VAL A 5 3.81 17.27 9.55
CA VAL A 5 4.11 16.15 8.66
C VAL A 5 2.80 15.45 8.35
N GLN A 6 2.54 15.24 7.06
CA GLN A 6 1.31 14.61 6.60
C GLN A 6 1.60 13.19 6.13
N SER A 7 0.60 12.32 6.27
CA SER A 7 0.68 10.97 5.76
C SER A 7 -0.71 10.57 5.27
N GLY A 8 -0.79 9.37 4.69
CA GLY A 8 -2.04 8.91 4.12
C GLY A 8 -2.19 9.35 2.68
N GLY A 9 -3.43 9.29 2.21
CA GLY A 9 -3.72 9.60 0.83
C GLY A 9 -3.50 8.39 -0.07
N GLY A 10 -3.14 8.66 -1.32
CA GLY A 10 -2.90 7.59 -2.27
C GLY A 10 -4.01 7.43 -3.28
N LEU A 11 -4.17 6.22 -3.78
CA LEU A 11 -5.09 5.92 -4.87
C LEU A 11 -6.28 5.13 -4.35
N VAL A 12 -7.48 5.57 -4.73
CA VAL A 12 -8.71 4.91 -4.32
C VAL A 12 -9.73 5.08 -5.45
N LYS A 13 -10.53 4.04 -5.66
CA LYS A 13 -11.57 4.09 -6.67
C LYS A 13 -12.71 4.98 -6.19
N PRO A 14 -13.48 5.56 -7.11
CA PRO A 14 -14.63 6.37 -6.70
C PRO A 14 -15.61 5.54 -5.88
N GLY A 15 -16.19 6.19 -4.86
CA GLY A 15 -17.04 5.51 -3.91
C GLY A 15 -16.31 4.93 -2.72
N GLY A 16 -14.97 4.88 -2.76
CA GLY A 16 -14.20 4.35 -1.66
C GLY A 16 -13.97 5.37 -0.58
N SER A 17 -13.24 4.94 0.46
CA SER A 17 -12.95 5.77 1.60
C SER A 17 -11.44 5.96 1.72
N LEU A 18 -11.06 6.96 2.52
CA LEU A 18 -9.65 7.30 2.69
C LEU A 18 -9.53 8.23 3.89
N THR A 19 -8.45 8.06 4.65
CA THR A 19 -8.20 8.88 5.83
C THR A 19 -6.83 9.53 5.68
N LEU A 20 -6.80 10.86 5.78
CA LEU A 20 -5.55 11.62 5.82
C LEU A 20 -5.22 11.96 7.25
N SER A 21 -3.92 12.00 7.55
CA SER A 21 -3.45 12.31 8.89
C SER A 21 -2.40 13.40 8.84
N CYS A 22 -2.29 14.13 9.94
CA CYS A 22 -1.39 15.27 10.07
C CYS A 22 -0.90 15.28 11.51
N SER A 23 0.41 15.13 11.71
CA SER A 23 1.01 15.15 13.04
C SER A 23 1.73 16.47 13.22
N ALA A 24 1.51 17.11 14.37
CA ALA A 24 2.00 18.44 14.63
C ALA A 24 2.97 18.44 15.80
N SER A 25 3.89 19.41 15.78
CA SER A 25 4.85 19.59 16.85
C SER A 25 5.41 21.01 16.76
N GLY A 26 5.80 21.55 17.91
CA GLY A 26 6.38 22.87 17.98
C GLY A 26 5.45 23.96 18.46
N PHE A 27 4.18 23.64 18.73
CA PHE A 27 3.23 24.60 19.25
C PHE A 27 2.21 23.88 20.11
N PHE A 28 1.37 24.63 20.77
CA PHE A 28 0.39 24.05 21.63
C PHE A 28 -0.76 23.62 20.77
N PHE A 29 -0.66 22.39 20.32
CA PHE A 29 -1.68 21.81 19.45
C PHE A 29 -3.07 21.87 20.06
N ASP A 30 -3.18 21.57 21.36
CA ASP A 30 -4.49 21.53 22.01
C ASP A 30 -5.19 22.89 21.96
N ASN A 31 -4.43 23.98 21.90
CA ASN A 31 -4.97 25.33 21.97
C ASN A 31 -5.20 25.95 20.59
N SER A 32 -5.23 25.13 19.54
CA SER A 32 -5.29 25.62 18.17
C SER A 32 -6.49 25.04 17.43
N TRP A 33 -7.16 25.88 16.65
CA TRP A 33 -8.03 25.38 15.60
C TRP A 33 -7.17 24.91 14.43
N MET A 34 -7.62 23.85 13.76
CA MET A 34 -6.89 23.27 12.63
C MET A 34 -7.88 23.05 11.49
N GLY A 35 -7.35 22.77 10.31
CA GLY A 35 -8.21 22.55 9.17
C GLY A 35 -7.53 21.85 8.02
N TRP A 36 -8.18 21.90 6.87
CA TRP A 36 -7.71 21.27 5.65
C TRP A 36 -8.10 22.13 4.45
N VAL A 37 -7.19 22.24 3.49
CA VAL A 37 -7.46 22.91 2.21
C VAL A 37 -6.92 22.03 1.10
N ARG A 38 -7.62 22.00 -0.03
CA ARG A 38 -7.24 21.15 -1.14
C ARG A 38 -7.12 21.96 -2.43
N GLN A 39 -6.42 21.37 -3.40
CA GLN A 39 -6.26 21.96 -4.72
C GLN A 39 -6.32 20.84 -5.75
N ALA A 40 -7.30 20.92 -6.65
CA ALA A 40 -7.40 19.95 -7.73
C ALA A 40 -6.37 20.27 -8.82
N PRO A 41 -5.98 19.27 -9.60
CA PRO A 41 -4.99 19.53 -10.67
C PRO A 41 -5.51 20.57 -11.66
N GLY A 42 -4.75 21.65 -11.81
CA GLY A 42 -5.13 22.72 -12.72
C GLY A 42 -6.14 23.69 -12.17
N LYS A 43 -6.42 23.65 -10.87
CA LYS A 43 -7.42 24.50 -10.25
C LYS A 43 -6.81 25.23 -9.07
N GLY A 44 -7.59 26.11 -8.46
CA GLY A 44 -7.14 26.89 -7.33
C GLY A 44 -7.46 26.23 -6.00
N LEU A 45 -7.16 26.96 -4.93
CA LEU A 45 -7.37 26.44 -3.58
C LEU A 45 -8.86 26.38 -3.26
N GLU A 46 -9.22 25.40 -2.42
CA GLU A 46 -10.60 25.22 -1.98
C GLU A 46 -10.58 24.75 -0.53
N TRP A 47 -11.23 25.51 0.34
CA TRP A 47 -11.29 25.14 1.74
C TRP A 47 -12.14 23.88 1.93
N VAL A 48 -11.63 22.95 2.73
CA VAL A 48 -12.31 21.70 2.99
C VAL A 48 -13.08 21.74 4.31
N GLY A 49 -12.42 22.14 5.39
CA GLY A 49 -13.08 22.18 6.68
C GLY A 49 -12.12 22.54 7.79
N ARG A 50 -12.68 22.75 8.98
CA ARG A 50 -11.90 23.09 10.16
C ARG A 50 -12.51 22.38 11.37
N ILE A 51 -11.75 22.38 12.48
CA ILE A 51 -12.20 21.80 13.74
C ILE A 51 -11.70 22.68 14.88
N ARG A 52 -12.55 22.87 15.88
CA ARG A 52 -12.24 23.71 17.03
C ARG A 52 -11.52 22.89 18.11
N ARG A 53 -11.12 23.58 19.18
CA ARG A 53 -10.53 22.89 20.31
C ARG A 53 -11.56 21.99 20.99
N LEU A 54 -11.06 21.04 21.79
CA LEU A 54 -11.96 20.16 22.52
C LEU A 54 -12.80 20.92 23.52
N LYS A 55 -12.24 21.95 24.15
CA LYS A 55 -13.02 22.75 25.10
C LYS A 55 -14.09 23.57 24.39
N ASP A 56 -13.92 23.82 23.09
CA ASP A 56 -14.96 24.45 22.29
C ASP A 56 -15.99 23.46 21.78
N GLY A 57 -15.86 22.18 22.13
CA GLY A 57 -16.75 21.14 21.64
C GLY A 57 -16.20 20.31 20.50
N ALA A 58 -15.03 20.67 19.97
CA ALA A 58 -14.43 19.95 18.85
C ALA A 58 -15.39 19.93 17.65
N THR A 59 -16.02 21.06 17.39
CA THR A 59 -17.01 21.15 16.32
C THR A 59 -16.33 21.18 14.97
N GLY A 60 -16.78 20.32 14.05
CA GLY A 60 -16.29 20.31 12.69
C GLY A 60 -17.20 21.10 11.78
N GLU A 61 -16.61 22.01 11.00
CA GLU A 61 -17.31 22.78 9.98
C GLU A 61 -16.65 22.52 8.63
N TYR A 62 -17.47 22.42 7.58
CA TYR A 62 -17.00 21.88 6.31
C TYR A 62 -17.47 22.74 5.14
N GLY A 63 -16.67 22.73 4.07
CA GLY A 63 -17.07 23.38 2.85
C GLY A 63 -18.23 22.66 2.18
N ALA A 64 -18.99 23.41 1.38
CA ALA A 64 -20.21 22.89 0.78
C ALA A 64 -19.95 21.68 -0.11
N ALA A 65 -18.81 21.66 -0.81
CA ALA A 65 -18.55 20.58 -1.75
C ALA A 65 -18.30 19.23 -1.06
N VAL A 66 -17.95 19.23 0.23
CA VAL A 66 -17.61 18.02 0.95
C VAL A 66 -18.52 17.78 2.14
N LYS A 67 -19.44 18.69 2.45
CA LYS A 67 -20.28 18.54 3.62
C LYS A 67 -21.12 17.27 3.51
N ASP A 68 -21.34 16.61 4.64
CA ASP A 68 -22.08 15.36 4.76
C ASP A 68 -21.30 14.17 4.19
N ARG A 69 -20.09 14.38 3.67
CA ARG A 69 -19.26 13.31 3.15
C ARG A 69 -17.94 13.20 3.88
N PHE A 70 -17.29 14.32 4.20
CA PHE A 70 -16.05 14.32 4.95
C PHE A 70 -16.30 14.69 6.40
N THR A 71 -15.44 14.18 7.28
CA THR A 71 -15.44 14.59 8.68
C THR A 71 -14.00 14.76 9.13
N ILE A 72 -13.81 15.74 10.02
CA ILE A 72 -12.50 16.01 10.62
C ILE A 72 -12.55 15.58 12.08
N SER A 73 -11.44 15.03 12.56
CA SER A 73 -11.30 14.69 13.96
C SER A 73 -9.87 15.00 14.40
N ARG A 74 -9.68 15.04 15.72
CA ARG A 74 -8.39 15.38 16.28
C ARG A 74 -8.13 14.47 17.49
N ASP A 75 -6.86 14.19 17.73
CA ASP A 75 -6.41 13.42 18.89
C ASP A 75 -5.37 14.26 19.63
N ASP A 76 -5.82 15.00 20.65
CA ASP A 76 -4.92 15.89 21.36
C ASP A 76 -3.78 15.15 22.06
N SER A 77 -4.04 13.92 22.52
CA SER A 77 -3.01 13.17 23.22
C SER A 77 -1.86 12.79 22.30
N ARG A 78 -2.10 12.74 20.99
CA ARG A 78 -1.08 12.39 20.01
C ARG A 78 -0.77 13.53 19.06
N ASN A 79 -1.38 14.71 19.23
CA ASN A 79 -1.20 15.83 18.32
C ASN A 79 -1.45 15.40 16.87
N MET A 80 -2.58 14.74 16.65
CA MET A 80 -2.95 14.21 15.35
C MET A 80 -4.22 14.89 14.86
N LEU A 81 -4.21 15.31 13.59
CA LEU A 81 -5.40 15.82 12.91
C LEU A 81 -5.73 14.87 11.77
N TYR A 82 -7.01 14.52 11.64
CA TYR A 82 -7.45 13.55 10.65
C TYR A 82 -8.52 14.16 9.74
N LEU A 83 -8.51 13.72 8.49
CA LEU A 83 -9.57 14.03 7.53
C LEU A 83 -10.11 12.70 7.01
N HIS A 84 -11.34 12.36 7.40
CA HIS A 84 -11.97 11.12 6.98
C HIS A 84 -12.79 11.39 5.72
N MET A 85 -12.44 10.72 4.62
CA MET A 85 -13.07 10.92 3.33
C MET A 85 -13.75 9.64 2.90
N ARG A 86 -15.07 9.70 2.71
CA ARG A 86 -15.85 8.56 2.22
C ARG A 86 -16.65 8.98 1.00
N THR A 87 -17.19 7.98 0.31
CA THR A 87 -17.94 8.18 -0.94
C THR A 87 -17.20 9.18 -1.83
N LEU A 88 -15.94 8.84 -2.12
CA LEU A 88 -15.07 9.73 -2.87
C LEU A 88 -15.46 9.77 -4.34
N LYS A 89 -15.28 10.94 -4.94
CA LYS A 89 -15.57 11.16 -6.35
C LYS A 89 -14.32 11.66 -7.06
N THR A 90 -14.32 11.55 -8.39
CA THR A 90 -13.15 11.93 -9.16
C THR A 90 -12.77 13.40 -8.89
N GLU A 91 -13.77 14.26 -8.75
CA GLU A 91 -13.53 15.67 -8.49
C GLU A 91 -12.95 15.93 -7.10
N ASP A 92 -12.75 14.91 -6.27
CA ASP A 92 -12.06 15.04 -5.00
C ASP A 92 -10.56 14.86 -5.12
N SER A 93 -10.06 14.50 -6.30
CA SER A 93 -8.62 14.33 -6.48
C SER A 93 -7.92 15.68 -6.32
N GLY A 94 -6.68 15.62 -5.87
CA GLY A 94 -5.88 16.81 -5.72
C GLY A 94 -4.95 16.69 -4.52
N THR A 95 -4.29 17.81 -4.23
CA THR A 95 -3.37 17.91 -3.11
C THR A 95 -4.10 18.48 -1.91
N TYR A 96 -4.00 17.80 -0.78
CA TYR A 96 -4.69 18.18 0.45
C TYR A 96 -3.66 18.65 1.47
N TYR A 97 -3.82 19.89 1.94
CA TYR A 97 -2.97 20.48 2.96
C TYR A 97 -3.71 20.52 4.28
N CYS A 98 -3.07 20.07 5.35
CA CYS A 98 -3.54 20.40 6.68
C CYS A 98 -3.00 21.78 7.07
N THR A 99 -3.81 22.52 7.83
CA THR A 99 -3.47 23.89 8.19
C THR A 99 -3.62 24.09 9.69
N MET A 100 -2.70 24.86 10.27
CA MET A 100 -2.89 25.41 11.61
C MET A 100 -3.55 26.77 11.45
N ASP A 101 -4.77 26.90 11.96
CA ASP A 101 -5.55 28.11 11.79
C ASP A 101 -5.38 29.04 12.99
N GLU A 102 -5.61 30.32 12.74
CA GLU A 102 -5.56 31.33 13.79
C GLU A 102 -6.67 32.34 13.57
N GLY A 103 -7.07 32.99 14.66
CA GLY A 103 -8.03 34.06 14.59
C GLY A 103 -7.52 35.31 15.29
N THR A 104 -8.14 36.43 14.93
CA THR A 104 -7.86 37.70 15.60
C THR A 104 -9.19 38.36 15.91
N PRO A 105 -9.47 38.71 17.17
CA PRO A 105 -10.76 39.30 17.49
C PRO A 105 -10.97 40.65 16.81
N VAL A 106 -12.17 40.83 16.27
CA VAL A 106 -12.61 42.14 15.81
C VAL A 106 -12.93 43.01 17.02
N THR A 107 -12.44 44.24 17.01
CA THR A 107 -12.57 45.14 18.15
C THR A 107 -13.68 46.17 17.99
N ARG A 108 -14.21 46.36 16.79
CA ARG A 108 -15.35 47.24 16.60
C ARG A 108 -16.55 46.70 17.39
N PHE A 109 -17.06 47.51 18.31
CA PHE A 109 -18.06 47.05 19.27
C PHE A 109 -19.24 46.38 18.62
N LEU A 110 -19.70 46.91 17.51
CA LEU A 110 -20.83 46.30 16.82
C LEU A 110 -20.51 44.89 16.34
N GLU A 111 -19.24 44.54 16.23
CA GLU A 111 -18.81 43.21 15.77
C GLU A 111 -18.10 42.42 16.87
N TRP A 112 -18.27 42.80 18.13
CA TRP A 112 -17.74 41.99 19.22
C TRP A 112 -18.37 40.60 19.18
N GLY A 113 -17.51 39.59 19.23
CA GLY A 113 -17.92 38.21 19.05
C GLY A 113 -17.45 37.62 17.73
N TYR A 114 -17.07 38.46 16.78
CA TYR A 114 -16.57 38.02 15.48
C TYR A 114 -15.05 38.10 15.45
N PHE A 115 -14.47 37.42 14.47
CA PHE A 115 -13.02 37.30 14.38
C PHE A 115 -12.60 37.18 12.92
N TYR A 116 -11.43 37.72 12.61
CA TYR A 116 -10.74 37.35 11.39
C TYR A 116 -10.21 35.94 11.54
N TYR A 117 -10.27 35.16 10.46
CA TYR A 117 -9.87 33.76 10.48
C TYR A 117 -9.02 33.47 9.26
N TYR A 118 -7.91 32.75 9.47
CA TYR A 118 -6.96 32.53 8.39
C TYR A 118 -6.15 31.26 8.67
N MET A 119 -5.64 30.68 7.59
CA MET A 119 -4.77 29.51 7.65
C MET A 119 -3.34 29.99 7.83
N ALA A 120 -2.80 29.83 9.04
CA ALA A 120 -1.52 30.45 9.38
C ALA A 120 -0.32 29.61 8.98
N VAL A 121 -0.39 28.28 9.11
CA VAL A 121 0.72 27.39 8.80
C VAL A 121 0.18 26.22 7.98
N TRP A 122 0.80 25.97 6.83
CA TRP A 122 0.36 24.95 5.90
C TRP A 122 1.34 23.79 5.86
N GLY A 123 0.81 22.57 5.84
CA GLY A 123 1.62 21.40 5.61
C GLY A 123 2.12 21.33 4.18
N ARG A 124 2.96 20.32 3.91
CA ARG A 124 3.52 20.14 2.58
C ARG A 124 2.49 19.63 1.58
N GLY A 125 1.41 19.02 2.05
CA GLY A 125 0.39 18.50 1.18
C GLY A 125 0.55 17.02 0.92
N THR A 126 -0.58 16.34 0.76
CA THR A 126 -0.62 14.93 0.41
C THR A 126 -1.52 14.75 -0.81
N THR A 127 -1.08 13.91 -1.74
CA THR A 127 -1.80 13.70 -2.99
C THR A 127 -2.90 12.67 -2.82
N VAL A 128 -4.08 12.99 -3.36
CA VAL A 128 -5.22 12.08 -3.41
C VAL A 128 -5.69 12.02 -4.85
N ILE A 129 -5.75 10.82 -5.42
CA ILE A 129 -6.23 10.60 -6.77
C ILE A 129 -7.37 9.59 -6.69
N VAL A 130 -8.56 10.02 -7.06
CA VAL A 130 -9.74 9.15 -7.09
C VAL A 130 -9.91 8.67 -8.52
N SER A 131 -9.61 7.39 -8.75
CA SER A 131 -9.61 6.84 -10.10
C SER A 131 -9.82 5.32 -10.02
N SER A 132 -10.43 4.77 -11.07
CA SER A 132 -10.62 3.34 -11.19
C SER A 132 -9.45 2.64 -11.87
N ALA A 133 -8.46 3.39 -12.35
CA ALA A 133 -7.40 2.80 -13.14
C ALA A 133 -6.46 1.97 -12.28
N SER A 134 -5.94 0.90 -12.87
CA SER A 134 -4.98 0.03 -12.21
C SER A 134 -3.56 0.43 -12.60
N THR A 135 -2.60 -0.06 -11.81
CA THR A 135 -1.20 0.21 -12.11
C THR A 135 -0.85 -0.29 -13.50
N LYS A 136 -0.19 0.56 -14.29
CA LYS A 136 0.20 0.19 -15.64
C LYS A 136 1.44 0.97 -16.02
N GLY A 137 2.44 0.27 -16.54
CA GLY A 137 3.66 0.90 -17.00
C GLY A 137 3.48 1.53 -18.36
N PRO A 138 4.26 2.57 -18.64
CA PRO A 138 4.12 3.34 -19.89
C PRO A 138 4.75 2.79 -21.16
N SER A 139 4.06 3.03 -22.26
CA SER A 139 4.52 2.64 -23.59
C SER A 139 5.41 3.79 -24.01
N VAL A 140 6.61 3.48 -24.49
CA VAL A 140 7.57 4.52 -24.85
C VAL A 140 7.76 4.44 -26.36
N PHE A 141 7.33 5.50 -27.06
CA PHE A 141 7.43 5.58 -28.51
C PHE A 141 8.37 6.72 -28.89
N PRO A 142 9.21 6.53 -29.92
CA PRO A 142 10.12 7.61 -30.31
C PRO A 142 9.41 8.70 -31.10
N LEU A 143 9.91 9.93 -30.94
CA LEU A 143 9.55 11.06 -31.77
C LEU A 143 10.79 11.33 -32.64
N ALA A 144 10.84 10.66 -33.79
CA ALA A 144 12.06 10.62 -34.56
C ALA A 144 12.34 11.98 -35.22
N PRO A 145 13.62 12.33 -35.41
CA PRO A 145 13.93 13.57 -36.15
C PRO A 145 13.57 13.43 -37.62
N SER A 146 13.27 14.56 -38.23
CA SER A 146 12.97 14.62 -39.66
C SER A 146 13.14 16.05 -40.13
N SER A 147 13.08 16.23 -41.45
CA SER A 147 13.16 17.56 -42.05
C SER A 147 12.08 18.47 -41.46
N SER A 149 11.14 18.03 -38.37
CA SER A 149 11.52 18.38 -37.01
C SER A 149 12.87 19.07 -36.99
N THR A 150 13.19 19.80 -38.06
CA THR A 150 14.45 20.50 -38.16
C THR A 150 14.36 22.02 -38.39
N SER A 151 15.42 22.74 -38.03
CA SER A 151 15.45 24.20 -38.20
C SER A 151 16.62 24.68 -39.05
N THR A 154 19.54 22.88 -36.26
CA THR A 154 18.90 22.44 -35.03
C THR A 154 17.76 21.48 -35.27
N ALA A 155 17.89 20.26 -34.76
CA ALA A 155 16.78 19.32 -34.92
C ALA A 155 16.19 18.99 -33.56
N ALA A 156 14.94 18.52 -33.58
CA ALA A 156 14.20 18.20 -32.37
C ALA A 156 13.79 16.73 -32.41
N LEU A 157 14.14 16.00 -31.36
CA LEU A 157 13.71 14.62 -31.18
C LEU A 157 13.07 14.49 -29.80
N GLY A 158 12.41 13.37 -29.58
CA GLY A 158 11.79 13.15 -28.29
C GLY A 158 11.26 11.73 -28.17
N CYS A 159 10.57 11.50 -27.06
CA CYS A 159 9.94 10.22 -26.79
C CYS A 159 8.56 10.46 -26.21
N LEU A 160 7.61 9.61 -26.59
CA LEU A 160 6.23 9.72 -26.16
C LEU A 160 5.95 8.63 -25.13
N VAL A 161 5.76 9.03 -23.88
CA VAL A 161 5.50 8.12 -22.77
C VAL A 161 3.99 8.10 -22.57
N LYS A 162 3.33 7.05 -23.06
CA LYS A 162 1.89 7.02 -23.21
C LYS A 162 1.27 5.89 -22.41
N ASP A 163 0.09 6.17 -21.84
CA ASP A 163 -0.74 5.15 -21.22
C ASP A 163 -0.08 4.52 -20.00
N TYR A 164 0.13 5.30 -18.95
CA TYR A 164 0.67 4.80 -17.69
C TYR A 164 -0.17 5.33 -16.55
N PHE A 165 -0.20 4.56 -15.46
CA PHE A 165 -0.93 4.95 -14.28
C PHE A 165 -0.29 4.25 -13.10
N PRO A 166 -0.10 4.95 -11.96
CA PRO A 166 -0.34 6.38 -11.72
C PRO A 166 0.88 7.22 -12.08
N GLU A 167 0.79 8.52 -11.84
CA GLU A 167 1.98 9.35 -11.84
C GLU A 167 2.90 8.90 -10.70
N PRO A 168 4.19 9.26 -10.75
CA PRO A 168 4.89 10.02 -11.78
C PRO A 168 5.73 9.15 -12.71
N VAL A 169 6.22 9.77 -13.78
CA VAL A 169 7.21 9.17 -14.66
C VAL A 169 8.44 10.06 -14.66
N THR A 170 9.62 9.45 -14.60
CA THR A 170 10.88 10.16 -14.73
C THR A 170 11.47 9.88 -16.11
N VAL A 171 12.06 10.91 -16.71
CA VAL A 171 12.65 10.79 -18.03
C VAL A 171 14.00 11.49 -18.03
N SER A 172 15.03 10.79 -18.47
CA SER A 172 16.35 11.37 -18.71
C SER A 172 16.80 10.98 -20.11
N TRP A 173 17.85 11.66 -20.58
CA TRP A 173 18.40 11.42 -21.90
C TRP A 173 19.88 11.09 -21.78
N ASN A 174 20.30 9.99 -22.40
CA ASN A 174 21.69 9.54 -22.36
C ASN A 174 22.16 9.37 -20.93
N SER A 175 21.29 8.83 -20.08
CA SER A 175 21.61 8.56 -18.68
C SER A 175 22.03 9.84 -17.95
N GLY A 176 21.31 10.92 -18.21
CA GLY A 176 21.57 12.19 -17.56
C GLY A 176 22.66 13.02 -18.19
N ALA A 177 23.41 12.48 -19.16
CA ALA A 177 24.47 13.26 -19.79
C ALA A 177 23.90 14.44 -20.57
N LEU A 178 22.77 14.23 -21.26
CA LEU A 178 22.16 15.25 -22.11
C LEU A 178 21.07 15.95 -21.30
N THR A 179 21.33 17.20 -20.91
CA THR A 179 20.36 18.01 -20.18
C THR A 179 20.12 19.38 -20.79
N SER A 180 21.03 19.90 -21.61
CA SER A 180 20.86 21.22 -22.21
C SER A 180 19.84 21.13 -23.34
N GLY A 181 18.78 21.93 -23.23
CA GLY A 181 17.73 21.93 -24.24
C GLY A 181 16.68 20.87 -24.06
N VAL A 182 16.56 20.29 -22.86
CA VAL A 182 15.56 19.26 -22.59
C VAL A 182 14.30 19.92 -22.06
N HIS A 183 13.16 19.49 -22.60
CA HIS A 183 11.84 19.92 -22.11
C HIS A 183 11.01 18.66 -21.87
N THR A 184 10.67 18.41 -20.62
CA THR A 184 9.76 17.33 -20.26
C THR A 184 8.46 17.95 -19.78
N PHE A 185 7.40 17.72 -20.54
CA PHE A 185 6.12 18.38 -20.30
C PHE A 185 5.38 17.75 -19.13
N PRO A 186 4.58 18.53 -18.40
CA PRO A 186 3.70 17.93 -17.40
C PRO A 186 2.80 16.87 -18.01
N ALA A 187 2.49 15.85 -17.23
CA ALA A 187 1.61 14.80 -17.71
C ALA A 187 0.21 15.37 -17.95
N VAL A 188 -0.50 14.73 -18.87
CA VAL A 188 -1.91 15.04 -19.13
C VAL A 188 -2.71 13.77 -18.90
N LEU A 189 -3.89 13.94 -18.32
CA LEU A 189 -4.81 12.82 -18.09
C LEU A 189 -5.66 12.63 -19.34
N GLN A 190 -5.50 11.49 -20.00
CA GLN A 190 -6.30 11.18 -21.17
C GLN A 190 -7.70 10.74 -20.76
N SER A 191 -8.63 10.85 -21.73
CA SER A 191 -10.01 10.45 -21.45
C SER A 191 -10.11 8.98 -21.08
N SER A 192 -9.09 8.17 -21.40
CA SER A 192 -9.08 6.77 -21.00
C SER A 192 -8.83 6.56 -19.52
N GLY A 193 -8.44 7.60 -18.79
CA GLY A 193 -8.06 7.47 -17.41
C GLY A 193 -6.58 7.21 -17.18
N LEU A 194 -5.79 7.09 -18.23
CA LEU A 194 -4.35 6.91 -18.13
C LEU A 194 -3.64 8.22 -18.46
N TYR A 195 -2.41 8.33 -17.97
CA TYR A 195 -1.61 9.52 -18.19
C TYR A 195 -0.73 9.37 -19.43
N SER A 196 -0.27 10.51 -19.94
CA SER A 196 0.63 10.55 -21.08
C SER A 196 1.45 11.83 -21.02
N LEU A 197 2.70 11.74 -21.44
CA LEU A 197 3.55 12.92 -21.55
C LEU A 197 4.56 12.69 -22.65
N SER A 198 5.18 13.78 -23.09
CA SER A 198 6.31 13.72 -24.02
C SER A 198 7.50 14.42 -23.42
N SER A 199 8.69 13.97 -23.82
CA SER A 199 9.94 14.63 -23.48
C SER A 199 10.72 14.85 -24.76
N VAL A 200 11.11 16.09 -25.00
CA VAL A 200 11.76 16.48 -26.25
C VAL A 200 13.10 17.12 -25.92
N VAL A 201 13.95 17.24 -26.94
CA VAL A 201 15.24 17.90 -26.81
C VAL A 201 15.66 18.36 -28.20
N THR A 202 16.22 19.57 -28.25
CA THR A 202 16.75 20.14 -29.48
C THR A 202 18.26 19.96 -29.51
N VAL A 203 18.76 19.39 -30.59
CA VAL A 203 20.19 19.13 -30.75
C VAL A 203 20.60 19.51 -32.17
N PRO A 204 21.89 19.79 -32.37
CA PRO A 204 22.35 20.12 -33.72
C PRO A 204 22.06 18.99 -34.70
N SER A 205 21.73 19.38 -35.93
CA SER A 205 21.36 18.44 -36.98
C SER A 205 22.33 17.25 -37.03
N SER A 206 23.61 17.52 -37.21
CA SER A 206 24.63 16.47 -37.20
C SER A 206 24.60 15.72 -35.87
N TYR A 213 21.08 8.44 -29.30
CA TYR A 213 20.12 9.17 -28.48
C TYR A 213 19.12 8.22 -27.84
N ILE A 214 19.18 8.10 -26.52
CA ILE A 214 18.32 7.19 -25.77
C ILE A 214 17.66 7.98 -24.66
N CYS A 215 16.34 7.83 -24.54
CA CYS A 215 15.59 8.36 -23.41
C CYS A 215 15.36 7.26 -22.40
N ASN A 216 15.61 7.56 -21.13
CA ASN A 216 15.47 6.58 -20.06
C ASN A 216 14.19 6.90 -19.29
N VAL A 217 13.19 6.02 -19.42
CA VAL A 217 11.90 6.21 -18.79
C VAL A 217 11.83 5.31 -17.56
N ASN A 218 11.47 5.89 -16.42
CA ASN A 218 11.35 5.16 -15.17
C ASN A 218 9.95 5.39 -14.61
N HIS A 219 9.21 4.30 -14.39
CA HIS A 219 7.88 4.36 -13.79
C HIS A 219 7.93 3.47 -12.55
N LYS A 220 8.21 4.07 -11.40
CA LYS A 220 8.37 3.31 -10.17
C LYS A 220 7.12 2.54 -9.77
N PRO A 221 5.91 3.12 -9.82
CA PRO A 221 4.72 2.37 -9.38
C PRO A 221 4.59 0.98 -9.99
N SER A 222 4.90 0.84 -11.27
CA SER A 222 4.94 -0.47 -11.92
C SER A 222 6.35 -1.03 -11.98
N ASN A 223 7.33 -0.31 -11.43
CA ASN A 223 8.74 -0.66 -11.52
C ASN A 223 9.11 -1.03 -12.95
N THR A 224 8.89 -0.09 -13.85
CA THR A 224 9.21 -0.23 -15.26
C THR A 224 10.39 0.66 -15.61
N LYS A 225 11.42 0.07 -16.20
CA LYS A 225 12.56 0.81 -16.73
C LYS A 225 12.67 0.52 -18.22
N VAL A 226 12.57 1.57 -19.03
CA VAL A 226 12.65 1.43 -20.48
C VAL A 226 13.71 2.39 -21.00
N ASP A 227 14.54 1.92 -21.92
CA ASP A 227 15.52 2.72 -22.61
C ASP A 227 15.25 2.61 -24.10
N LYS A 228 14.93 3.74 -24.73
CA LYS A 228 14.49 3.76 -26.13
C LYS A 228 15.45 4.61 -26.94
N ARG A 229 16.06 4.00 -27.96
CA ARG A 229 16.85 4.76 -28.93
C ARG A 229 15.91 5.46 -29.89
N VAL A 230 16.15 6.73 -30.14
CA VAL A 230 15.34 7.47 -31.05
C VAL A 230 16.10 7.54 -32.34
N GLU A 231 15.66 6.75 -33.31
CA GLU A 231 16.32 6.71 -34.58
C GLU A 231 15.49 7.34 -35.65
N PRO A 232 16.08 8.31 -36.35
CA PRO A 232 15.39 9.02 -37.43
C PRO A 232 14.95 8.08 -38.55
N ASP B 1 -21.68 30.75 -0.95
CA ASP B 1 -22.51 31.96 -0.72
C ASP B 1 -21.82 33.20 -1.26
N ILE B 2 -20.50 33.23 -1.13
CA ILE B 2 -19.67 34.37 -1.54
C ILE B 2 -18.73 33.90 -2.63
N VAL B 3 -18.68 34.63 -3.73
CA VAL B 3 -17.79 34.36 -4.84
C VAL B 3 -16.73 35.44 -4.87
N MET B 4 -15.47 35.03 -4.94
CA MET B 4 -14.34 35.94 -5.06
C MET B 4 -13.76 35.82 -6.47
N THR B 5 -13.65 36.96 -7.16
CA THR B 5 -13.11 37.00 -8.51
C THR B 5 -11.86 37.87 -8.51
N GLN B 6 -10.73 37.26 -8.84
CA GLN B 6 -9.47 37.98 -8.93
C GLN B 6 -9.18 38.34 -10.38
N SER B 7 -8.45 39.44 -10.55
CA SER B 7 -8.05 39.88 -11.87
C SER B 7 -6.76 40.69 -11.73
N PRO B 8 -5.83 40.56 -12.67
CA PRO B 8 -5.89 39.64 -13.81
C PRO B 8 -5.59 38.21 -13.39
N SER B 9 -5.98 37.22 -14.19
CA SER B 9 -5.61 35.85 -13.88
C SER B 9 -4.13 35.60 -14.10
N SER B 10 -3.46 36.47 -14.85
CA SER B 10 -2.03 36.36 -15.08
C SER B 10 -1.49 37.75 -15.40
N VAL B 11 -0.24 37.97 -15.02
CA VAL B 11 0.44 39.24 -15.30
C VAL B 11 1.93 38.98 -15.33
N SER B 12 2.61 39.64 -16.28
CA SER B 12 4.05 39.52 -16.44
C SER B 12 4.72 40.79 -15.92
N ALA B 13 5.79 40.61 -15.16
CA ALA B 13 6.48 41.73 -14.54
C ALA B 13 7.97 41.47 -14.54
N SER B 14 8.73 42.55 -14.38
CA SER B 14 10.17 42.50 -14.23
C SER B 14 10.54 42.90 -12.81
N VAL B 15 11.75 42.48 -12.39
CA VAL B 15 12.23 42.84 -11.07
C VAL B 15 12.21 44.35 -10.92
N GLY B 16 11.66 44.82 -9.80
CA GLY B 16 11.60 46.24 -9.50
C GLY B 16 10.29 46.91 -9.84
N ASP B 17 9.37 46.21 -10.49
CA ASP B 17 8.11 46.81 -10.92
C ASP B 17 7.09 46.77 -9.79
N ARG B 18 6.01 47.53 -9.99
CA ARG B 18 4.86 47.52 -9.09
C ARG B 18 3.73 46.73 -9.75
N VAL B 19 3.34 45.63 -9.12
CA VAL B 19 2.24 44.78 -9.60
C VAL B 19 1.08 44.93 -8.64
N THR B 20 -0.12 45.05 -9.19
CA THR B 20 -1.34 45.22 -8.41
C THR B 20 -2.35 44.17 -8.82
N ILE B 21 -2.77 43.36 -7.85
CA ILE B 21 -3.78 42.33 -8.05
C ILE B 21 -5.06 42.81 -7.38
N THR B 22 -6.20 42.64 -8.06
CA THR B 22 -7.49 43.05 -7.54
C THR B 22 -8.34 41.84 -7.21
N CYS B 23 -9.10 41.95 -6.13
CA CYS B 23 -10.03 40.92 -5.69
C CYS B 23 -11.38 41.59 -5.49
N ARG B 24 -12.42 41.02 -6.10
CA ARG B 24 -13.77 41.56 -6.00
C ARG B 24 -14.67 40.53 -5.35
N ALA B 25 -15.42 40.95 -4.33
CA ALA B 25 -16.34 40.07 -3.64
C ALA B 25 -17.76 40.29 -4.16
N SER B 26 -18.54 39.20 -4.21
CA SER B 26 -19.91 39.29 -4.68
C SER B 26 -20.84 39.97 -3.69
N GLN B 27 -20.34 40.34 -2.51
CA GLN B 27 -21.11 41.14 -1.56
C GLN B 27 -20.13 41.89 -0.67
N ASN B 28 -20.66 42.81 0.11
CA ASN B 28 -19.85 43.55 1.07
C ASN B 28 -19.37 42.61 2.17
N ILE B 29 -18.05 42.49 2.31
CA ILE B 29 -17.47 41.62 3.34
C ILE B 29 -16.58 42.41 4.31
N ARG B 30 -16.78 43.72 4.39
CA ARG B 30 -16.01 44.59 5.29
C ARG B 30 -14.52 44.36 5.01
N ASP B 31 -13.69 44.06 6.01
CA ASP B 31 -12.26 43.83 5.83
C ASP B 31 -11.87 42.38 6.12
N TYR B 32 -12.84 41.46 6.04
CA TYR B 32 -12.60 40.04 6.30
C TYR B 32 -12.01 39.38 5.06
N LEU B 33 -10.75 39.69 4.79
CA LEU B 33 -10.09 39.19 3.59
C LEU B 33 -8.64 38.83 3.87
N ASN B 34 -8.22 37.68 3.36
CA ASN B 34 -6.85 37.20 3.45
C ASN B 34 -6.20 37.17 2.07
N TRP B 35 -4.87 37.26 2.06
CA TRP B 35 -4.07 37.05 0.86
C TRP B 35 -3.05 35.97 1.13
N TYR B 36 -2.86 35.07 0.17
CA TYR B 36 -1.91 33.98 0.29
C TYR B 36 -0.96 33.99 -0.91
N GLN B 37 0.21 33.39 -0.72
CA GLN B 37 1.20 33.19 -1.76
C GLN B 37 1.42 31.70 -1.95
N HIS B 38 1.56 31.26 -3.21
CA HIS B 38 1.75 29.86 -3.50
C HIS B 38 2.72 29.70 -4.66
N LYS B 39 3.78 28.93 -4.44
CA LYS B 39 4.75 28.59 -5.47
C LYS B 39 4.59 27.15 -5.90
N PRO B 40 4.90 26.82 -7.16
CA PRO B 40 4.79 25.43 -7.60
C PRO B 40 5.60 24.50 -6.70
N GLY B 41 5.01 23.36 -6.37
CA GLY B 41 5.67 22.38 -5.53
C GLY B 41 6.07 22.95 -4.18
N GLY B 42 5.29 23.93 -3.72
CA GLY B 42 5.53 24.53 -2.43
C GLY B 42 4.25 24.62 -1.62
N SER B 43 4.40 24.99 -0.35
CA SER B 43 3.19 25.10 0.44
C SER B 43 2.68 26.54 0.41
N PRO B 44 1.36 26.74 0.37
CA PRO B 44 0.83 28.10 0.42
C PRO B 44 1.26 28.83 1.69
N ARG B 45 1.39 30.15 1.57
CA ARG B 45 1.95 30.98 2.62
C ARG B 45 1.03 32.18 2.85
N LEU B 46 0.68 32.44 4.10
CA LEU B 46 -0.16 33.57 4.45
C LEU B 46 0.65 34.87 4.40
N LEU B 47 0.10 35.88 3.73
CA LEU B 47 0.71 37.20 3.62
C LEU B 47 -0.01 38.26 4.44
N ILE B 48 -1.33 38.30 4.35
CA ILE B 48 -2.13 39.40 4.89
C ILE B 48 -3.43 38.82 5.41
N TYR B 49 -3.90 39.36 6.54
CA TYR B 49 -5.24 39.11 7.03
C TYR B 49 -5.88 40.44 7.40
N ALA B 50 -7.19 40.41 7.59
CA ALA B 50 -7.96 41.62 7.88
C ALA B 50 -7.74 42.68 6.80
N ALA B 51 -7.59 42.23 5.55
CA ALA B 51 -7.52 43.11 4.39
C ALA B 51 -6.18 43.82 4.25
N SER B 52 -5.56 44.21 5.36
CA SER B 52 -4.38 45.05 5.28
C SER B 52 -3.35 44.79 6.37
N THR B 53 -3.54 43.81 7.25
CA THR B 53 -2.59 43.54 8.32
C THR B 53 -1.58 42.50 7.85
N LEU B 54 -0.31 42.88 7.81
CA LEU B 54 0.73 41.98 7.35
C LEU B 54 1.03 40.91 8.39
N GLN B 55 1.15 39.67 7.92
CA GLN B 55 1.59 38.59 8.80
C GLN B 55 3.05 38.78 9.17
N THR B 56 3.39 38.33 10.38
CA THR B 56 4.76 38.45 10.85
C THR B 56 5.70 37.67 9.93
N GLY B 57 6.82 38.28 9.58
CA GLY B 57 7.79 37.68 8.68
C GLY B 57 7.58 37.98 7.21
N VAL B 58 6.56 38.75 6.85
CA VAL B 58 6.27 39.05 5.45
C VAL B 58 6.95 40.37 5.09
N PRO B 59 7.73 40.43 4.00
CA PRO B 59 8.37 41.69 3.63
C PRO B 59 7.36 42.81 3.44
N SER B 60 7.78 44.02 3.79
CA SER B 60 6.92 45.19 3.64
C SER B 60 6.63 45.51 2.18
N ARG B 61 7.28 44.84 1.24
CA ARG B 61 6.94 45.02 -0.17
C ARG B 61 5.46 44.73 -0.43
N PHE B 62 4.88 43.80 0.34
CA PHE B 62 3.49 43.43 0.18
C PHE B 62 2.62 44.34 1.02
N SER B 63 1.54 44.86 0.42
CA SER B 63 0.58 45.68 1.14
C SER B 63 -0.80 45.42 0.58
N GLY B 64 -1.77 45.27 1.49
CA GLY B 64 -3.15 45.02 1.13
C GLY B 64 -4.01 46.22 1.48
N SER B 65 -5.01 46.49 0.64
CA SER B 65 -5.90 47.63 0.86
C SER B 65 -7.28 47.28 0.33
N GLY B 66 -8.25 48.13 0.64
CA GLY B 66 -9.61 47.96 0.19
C GLY B 66 -10.54 47.56 1.32
N SER B 67 -11.83 47.72 1.05
CA SER B 67 -12.87 47.34 2.00
C SER B 67 -14.18 47.24 1.23
N GLY B 68 -15.18 46.64 1.87
CA GLY B 68 -16.46 46.42 1.22
C GLY B 68 -16.44 45.23 0.27
N ASN B 69 -16.30 45.50 -1.03
CA ASN B 69 -16.30 44.44 -2.02
C ASN B 69 -15.14 44.52 -3.02
N LEU B 70 -14.21 45.45 -2.83
CA LEU B 70 -13.09 45.63 -3.75
C LEU B 70 -11.81 45.72 -2.94
N PHE B 71 -10.86 44.84 -3.24
CA PHE B 71 -9.60 44.73 -2.51
C PHE B 71 -8.45 44.62 -3.48
N THR B 72 -7.27 45.01 -3.01
CA THR B 72 -6.06 44.96 -3.85
C THR B 72 -4.89 44.46 -3.04
N LEU B 73 -4.03 43.68 -3.70
CA LEU B 73 -2.71 43.33 -3.21
C LEU B 73 -1.68 44.00 -4.09
N THR B 74 -0.78 44.77 -3.47
CA THR B 74 0.25 45.50 -4.19
C THR B 74 1.62 44.98 -3.77
N ILE B 75 2.47 44.69 -4.74
CA ILE B 75 3.85 44.29 -4.51
C ILE B 75 4.72 45.38 -5.12
N THR B 76 5.41 46.14 -4.28
CA THR B 76 6.35 47.14 -4.76
C THR B 76 7.75 46.54 -4.86
N ASN B 77 8.51 47.04 -5.82
CA ASN B 77 9.88 46.58 -6.04
C ASN B 77 9.93 45.04 -6.09
N LEU B 78 9.28 44.51 -7.12
CA LEU B 78 9.16 43.07 -7.28
C LEU B 78 10.53 42.42 -7.24
N GLN B 79 10.63 41.31 -6.51
CA GLN B 79 11.87 40.57 -6.35
C GLN B 79 11.75 39.18 -6.97
N PRO B 80 12.88 38.54 -7.28
CA PRO B 80 12.82 37.21 -7.92
C PRO B 80 11.97 36.20 -7.16
N GLU B 81 11.99 36.24 -5.82
CA GLU B 81 11.24 35.29 -5.03
C GLU B 81 9.74 35.60 -5.00
N ASP B 82 9.30 36.67 -5.63
CA ASP B 82 7.89 37.05 -5.63
C ASP B 82 7.13 36.52 -6.83
N PHE B 83 7.80 35.88 -7.78
CA PHE B 83 7.11 35.26 -8.90
C PHE B 83 6.42 33.99 -8.43
N ALA B 84 5.11 34.02 -8.40
CA ALA B 84 4.31 32.95 -7.79
C ALA B 84 2.85 33.22 -8.13
N THR B 85 1.98 32.39 -7.58
CA THR B 85 0.53 32.58 -7.69
C THR B 85 -0.02 33.11 -6.38
N TYR B 86 -0.97 34.03 -6.46
CA TYR B 86 -1.52 34.73 -5.31
C TYR B 86 -3.03 34.54 -5.25
N TYR B 87 -3.55 34.29 -4.04
CA TYR B 87 -4.97 34.07 -3.83
C TYR B 87 -5.51 34.99 -2.75
N CYS B 88 -6.68 35.56 -2.99
CA CYS B 88 -7.46 36.18 -1.92
C CYS B 88 -8.43 35.16 -1.33
N GLN B 89 -8.89 35.43 -0.12
CA GLN B 89 -9.82 34.51 0.56
C GLN B 89 -10.71 35.30 1.49
N GLU B 90 -12.03 35.14 1.32
CA GLU B 90 -13.00 35.73 2.21
C GLU B 90 -13.13 34.89 3.47
N ASN B 91 -13.28 35.56 4.62
CA ASN B 91 -13.60 34.91 5.89
C ASN B 91 -14.71 35.66 6.61
N TYR B 92 -15.79 35.95 5.87
CA TYR B 92 -16.86 36.82 6.36
C TYR B 92 -18.02 36.06 6.98
N ASN B 93 -18.44 34.95 6.40
CA ASN B 93 -19.63 34.26 6.87
C ASN B 93 -19.41 33.66 8.25
N THR B 94 -20.40 33.84 9.13
CA THR B 94 -20.35 33.18 10.44
C THR B 94 -20.37 31.67 10.27
N ILE B 95 -21.25 31.16 9.41
CA ILE B 95 -21.17 29.78 8.95
C ILE B 95 -20.14 29.76 7.82
N PRO B 96 -18.93 29.26 8.05
CA PRO B 96 -17.83 29.58 7.16
C PRO B 96 -17.98 28.98 5.76
N SER B 97 -17.67 29.80 4.77
CA SER B 97 -17.40 29.35 3.40
C SER B 97 -15.94 29.46 3.04
N LEU B 98 -15.26 30.49 3.53
CA LEU B 98 -13.82 30.67 3.33
C LEU B 98 -13.43 30.49 1.87
N SER B 99 -14.16 31.19 1.00
CA SER B 99 -13.96 31.05 -0.43
C SER B 99 -12.68 31.74 -0.89
N PHE B 100 -11.93 31.05 -1.74
CA PHE B 100 -10.75 31.59 -2.39
C PHE B 100 -11.10 32.20 -3.74
N GLY B 101 -10.34 33.22 -4.13
CA GLY B 101 -10.32 33.64 -5.51
C GLY B 101 -9.61 32.61 -6.38
N GLN B 102 -9.79 32.74 -7.69
CA GLN B 102 -9.26 31.73 -8.59
C GLN B 102 -7.73 31.78 -8.71
N GLY B 103 -7.12 32.88 -8.31
CA GLY B 103 -5.67 32.97 -8.29
C GLY B 103 -5.14 33.86 -9.41
N THR B 104 -4.02 34.51 -9.13
CA THR B 104 -3.30 35.34 -10.10
C THR B 104 -1.85 34.89 -10.14
N LYS B 105 -1.38 34.52 -11.33
CA LYS B 105 0.00 34.08 -11.52
C LYS B 105 0.84 35.26 -12.01
N VAL B 106 1.98 35.47 -11.38
CA VAL B 106 2.88 36.58 -11.72
C VAL B 106 4.08 35.98 -12.44
N ASP B 107 4.20 36.27 -13.72
CA ASP B 107 5.24 35.73 -14.58
C ASP B 107 6.35 36.74 -14.80
N ILE B 108 7.47 36.26 -15.32
CA ILE B 108 8.62 37.10 -15.65
C ILE B 108 8.41 37.69 -17.04
N ARG B 109 8.66 38.99 -17.18
CA ARG B 109 8.51 39.66 -18.46
C ARG B 109 9.82 39.60 -19.23
N ARG B 110 9.69 39.36 -20.54
CA ARG B 110 10.84 39.33 -21.43
C ARG B 110 10.38 39.71 -22.83
N THR B 111 11.35 39.84 -23.74
CA THR B 111 11.02 40.19 -25.11
C THR B 111 10.21 39.08 -25.76
N VAL B 112 9.39 39.46 -26.74
CA VAL B 112 8.61 38.48 -27.49
C VAL B 112 9.56 37.51 -28.18
N ALA B 113 9.18 36.23 -28.15
CA ALA B 113 9.97 35.19 -28.80
C ALA B 113 9.02 34.28 -29.57
N ALA B 114 9.19 34.21 -30.88
CA ALA B 114 8.35 33.36 -31.70
C ALA B 114 8.73 31.89 -31.49
N PRO B 115 7.76 30.98 -31.55
CA PRO B 115 8.07 29.57 -31.40
C PRO B 115 8.72 28.99 -32.64
N SER B 116 9.61 28.02 -32.41
CA SER B 116 10.04 27.12 -33.46
C SER B 116 9.13 25.90 -33.42
N VAL B 117 8.53 25.57 -34.56
CA VAL B 117 7.48 24.57 -34.64
C VAL B 117 8.04 23.31 -35.29
N PHE B 118 7.70 22.16 -34.70
CA PHE B 118 8.09 20.86 -35.21
C PHE B 118 6.87 19.94 -35.18
N ILE B 119 6.87 18.94 -36.06
CA ILE B 119 5.79 17.97 -36.10
C ILE B 119 6.39 16.58 -36.20
N PHE B 120 5.78 15.62 -35.51
CA PHE B 120 6.29 14.25 -35.44
C PHE B 120 5.17 13.30 -35.85
N PRO B 121 5.35 12.51 -36.90
CA PRO B 121 4.32 11.51 -37.24
C PRO B 121 4.27 10.41 -36.21
N PRO B 122 3.23 9.58 -36.21
CA PRO B 122 3.22 8.43 -35.31
C PRO B 122 4.32 7.46 -35.68
N SER B 123 4.89 6.82 -34.66
CA SER B 123 5.93 5.83 -34.88
C SER B 123 5.31 4.51 -35.34
N ASP B 124 6.09 3.74 -36.09
CA ASP B 124 5.61 2.45 -36.57
C ASP B 124 5.32 1.51 -35.40
N GLU B 125 6.09 1.62 -34.32
CA GLU B 125 5.82 0.82 -33.14
C GLU B 125 4.42 1.10 -32.59
N GLN B 126 4.06 2.39 -32.49
CA GLN B 126 2.75 2.74 -31.98
C GLN B 126 1.65 2.24 -32.90
N LEU B 127 1.82 2.39 -34.21
CA LEU B 127 0.77 1.99 -35.14
C LEU B 127 0.42 0.51 -35.00
N LYS B 128 1.44 -0.33 -34.77
CA LYS B 128 1.17 -1.75 -34.54
C LYS B 128 0.29 -1.97 -33.33
N SER B 129 0.23 -1.01 -32.41
CA SER B 129 -0.60 -1.12 -31.22
C SER B 129 -2.06 -0.76 -31.47
N GLY B 130 -2.40 -0.30 -32.67
CA GLY B 130 -3.76 0.07 -32.98
C GLY B 130 -4.14 1.49 -32.66
N THR B 131 -3.16 2.35 -32.35
CA THR B 131 -3.43 3.76 -32.09
C THR B 131 -2.36 4.60 -32.76
N ALA B 132 -2.69 5.87 -32.99
CA ALA B 132 -1.78 6.81 -33.63
C ALA B 132 -1.90 8.17 -32.95
N SER B 133 -0.76 8.77 -32.67
CA SER B 133 -0.63 10.06 -32.04
C SER B 133 0.30 10.96 -32.82
N VAL B 134 -0.19 12.14 -33.22
CA VAL B 134 0.64 13.12 -33.91
C VAL B 134 0.97 14.23 -32.93
N VAL B 135 2.22 14.67 -32.92
CA VAL B 135 2.71 15.62 -31.94
C VAL B 135 3.23 16.86 -32.67
N CYS B 136 2.77 18.02 -32.22
CA CYS B 136 3.21 19.33 -32.72
C CYS B 136 3.87 20.06 -31.55
N LEU B 137 5.13 20.46 -31.74
CA LEU B 137 5.93 21.04 -30.68
C LEU B 137 6.17 22.52 -30.96
N LEU B 138 5.85 23.36 -29.99
CA LEU B 138 6.17 24.79 -30.02
C LEU B 138 7.24 25.03 -28.96
N ASN B 139 8.45 25.38 -29.41
CA ASN B 139 9.62 25.41 -28.53
C ASN B 139 10.07 26.85 -28.29
N ASN B 140 10.20 27.22 -27.02
CA ASN B 140 10.91 28.43 -26.59
C ASN B 140 10.27 29.70 -27.16
N PHE B 141 9.02 29.95 -26.75
CA PHE B 141 8.30 31.14 -27.16
C PHE B 141 7.84 31.94 -25.95
N TYR B 142 7.49 33.21 -26.20
CA TYR B 142 6.96 34.09 -25.17
C TYR B 142 6.25 35.24 -25.87
N PRO B 143 5.06 35.67 -25.40
CA PRO B 143 4.33 35.19 -24.22
C PRO B 143 3.61 33.86 -24.45
N ARG B 144 2.82 33.46 -23.44
CA ARG B 144 2.24 32.12 -23.41
C ARG B 144 1.09 31.97 -24.39
N GLU B 145 0.39 33.06 -24.72
CA GLU B 145 -0.75 32.98 -25.64
C GLU B 145 -0.32 32.37 -26.97
N ALA B 146 -1.01 31.32 -27.38
CA ALA B 146 -0.74 30.66 -28.65
C ALA B 146 -1.93 29.79 -29.02
N LYS B 147 -2.19 29.71 -30.32
CA LYS B 147 -3.29 28.90 -30.86
C LYS B 147 -2.70 27.80 -31.73
N VAL B 148 -3.13 26.56 -31.48
CA VAL B 148 -2.70 25.40 -32.25
C VAL B 148 -3.96 24.72 -32.80
N GLN B 149 -4.01 24.58 -34.12
CA GLN B 149 -5.14 23.93 -34.79
C GLN B 149 -4.64 22.79 -35.65
N TRP B 150 -5.34 21.66 -35.58
CA TRP B 150 -5.00 20.48 -36.36
C TRP B 150 -5.94 20.35 -37.56
N LYS B 151 -5.38 19.90 -38.69
CA LYS B 151 -6.16 19.64 -39.89
C LYS B 151 -5.72 18.30 -40.47
N VAL B 152 -6.70 17.45 -40.78
CA VAL B 152 -6.46 16.17 -41.42
C VAL B 152 -7.10 16.25 -42.80
N ASP B 153 -6.29 16.24 -43.85
CA ASP B 153 -6.77 16.47 -45.21
C ASP B 153 -7.64 17.72 -45.27
N ASN B 154 -7.17 18.79 -44.61
CA ASN B 154 -7.80 20.10 -44.57
C ASN B 154 -9.05 20.14 -43.70
N ALA B 155 -9.45 19.03 -43.08
CA ALA B 155 -10.60 19.01 -42.19
C ALA B 155 -10.15 19.40 -40.79
N LEU B 156 -10.70 20.50 -40.28
CA LEU B 156 -10.30 21.00 -38.97
C LEU B 156 -10.71 20.02 -37.88
N GLN B 157 -9.77 19.64 -37.03
CA GLN B 157 -10.03 18.71 -35.95
C GLN B 157 -10.54 19.46 -34.72
N SER B 158 -11.51 18.86 -34.04
CA SER B 158 -12.16 19.49 -32.89
C SER B 158 -12.44 18.43 -31.83
N GLY B 159 -11.79 18.55 -30.68
CA GLY B 159 -12.07 17.69 -29.56
C GLY B 159 -11.30 16.39 -29.50
N ASN B 160 -10.18 16.27 -30.22
CA ASN B 160 -9.37 15.07 -30.19
C ASN B 160 -7.90 15.36 -30.00
N SER B 161 -7.56 16.52 -29.43
CA SER B 161 -6.18 16.87 -29.12
C SER B 161 -6.08 17.33 -27.67
N GLN B 162 -4.88 17.23 -27.12
CA GLN B 162 -4.59 17.70 -25.77
C GLN B 162 -3.29 18.48 -25.79
N GLU B 163 -3.29 19.63 -25.12
CA GLU B 163 -2.11 20.47 -25.01
C GLU B 163 -1.50 20.37 -23.61
N SER B 164 -0.19 20.52 -23.55
CA SER B 164 0.55 20.58 -22.30
C SER B 164 1.67 21.60 -22.47
N VAL B 165 1.88 22.42 -21.43
CA VAL B 165 2.83 23.52 -21.49
C VAL B 165 3.75 23.45 -20.29
N THR B 166 5.01 23.79 -20.50
CA THR B 166 5.99 23.80 -19.42
C THR B 166 5.89 25.09 -18.62
N GLU B 167 6.50 25.08 -17.44
CA GLU B 167 6.67 26.31 -16.68
C GLU B 167 7.73 27.18 -17.34
N GLN B 168 7.70 28.48 -17.00
CA GLN B 168 8.62 29.43 -17.60
C GLN B 168 10.05 28.97 -17.38
N ASP B 169 10.83 28.92 -18.47
CA ASP B 169 12.18 28.38 -18.43
C ASP B 169 13.04 29.18 -17.46
N SER B 170 13.88 28.46 -16.70
CA SER B 170 14.72 29.10 -15.69
C SER B 170 15.85 29.91 -16.31
N LYS B 171 16.28 29.57 -17.52
CA LYS B 171 17.40 30.25 -18.16
C LYS B 171 16.93 31.44 -19.01
N ASP B 172 16.06 31.17 -19.99
CA ASP B 172 15.62 32.19 -20.93
C ASP B 172 14.20 32.69 -20.66
N SER B 173 13.46 32.06 -19.76
CA SER B 173 12.12 32.49 -19.37
C SER B 173 11.09 32.27 -20.47
N THR B 174 11.34 31.35 -21.39
CA THR B 174 10.37 31.03 -22.43
C THR B 174 9.46 29.88 -22.00
N TYR B 175 8.47 29.58 -22.84
CA TYR B 175 7.58 28.45 -22.66
C TYR B 175 7.77 27.48 -23.83
N SER B 176 7.44 26.22 -23.58
CA SER B 176 7.33 25.21 -24.62
C SER B 176 5.98 24.53 -24.50
N LEU B 177 5.42 24.15 -25.64
CA LEU B 177 4.07 23.60 -25.70
C LEU B 177 4.05 22.39 -26.61
N SER B 178 3.29 21.37 -26.23
CA SER B 178 3.07 20.20 -27.05
C SER B 178 1.57 20.03 -27.26
N SER B 179 1.18 19.78 -28.51
CA SER B 179 -0.21 19.44 -28.84
C SER B 179 -0.20 18.04 -29.45
N THR B 180 -0.97 17.14 -28.85
CA THR B 180 -0.98 15.73 -29.24
C THR B 180 -2.35 15.41 -29.82
N LEU B 181 -2.38 15.15 -31.13
CA LEU B 181 -3.59 14.67 -31.80
C LEU B 181 -3.63 13.16 -31.71
N THR B 182 -4.75 12.63 -31.20
CA THR B 182 -4.91 11.19 -31.01
C THR B 182 -6.03 10.70 -31.92
N LEU B 183 -5.73 9.69 -32.73
CA LEU B 183 -6.69 9.10 -33.65
C LEU B 183 -6.48 7.60 -33.70
N SER B 184 -7.53 6.89 -34.07
CA SER B 184 -7.42 5.46 -34.31
C SER B 184 -6.48 5.19 -35.48
N LYS B 185 -5.92 3.99 -35.51
CA LYS B 185 -5.06 3.61 -36.63
C LYS B 185 -5.86 3.63 -37.94
N ALA B 186 -7.11 3.19 -37.91
CA ALA B 186 -7.94 3.19 -39.11
C ALA B 186 -8.09 4.61 -39.66
N ASP B 187 -8.52 5.54 -38.81
CA ASP B 187 -8.67 6.93 -39.24
C ASP B 187 -7.34 7.51 -39.71
N TYR B 188 -6.24 7.12 -39.08
CA TYR B 188 -4.93 7.62 -39.50
C TYR B 188 -4.54 7.09 -40.87
N GLU B 189 -4.72 5.78 -41.09
CA GLU B 189 -4.36 5.17 -42.36
C GLU B 189 -5.34 5.52 -43.47
N LYS B 190 -6.48 6.12 -43.13
CA LYS B 190 -7.49 6.48 -44.12
C LYS B 190 -7.24 7.84 -44.75
N HIS B 191 -6.43 8.69 -44.12
CA HIS B 191 -6.14 10.02 -44.61
C HIS B 191 -4.65 10.15 -44.91
N LYS B 192 -4.28 11.26 -45.54
CA LYS B 192 -2.95 11.40 -46.12
C LYS B 192 -2.13 12.53 -45.50
N VAL B 193 -2.69 13.73 -45.40
CA VAL B 193 -1.93 14.90 -44.98
C VAL B 193 -2.32 15.28 -43.57
N TYR B 194 -1.31 15.52 -42.73
CA TYR B 194 -1.51 15.94 -41.35
C TYR B 194 -0.72 17.23 -41.10
N ALA B 195 -1.41 18.23 -40.57
CA ALA B 195 -0.84 19.56 -40.43
C ALA B 195 -1.30 20.19 -39.11
N CYS B 196 -0.39 20.88 -38.44
CA CYS B 196 -0.73 21.74 -37.32
C CYS B 196 -0.42 23.17 -37.69
N GLU B 197 -1.36 24.07 -37.40
CA GLU B 197 -1.24 25.48 -37.72
C GLU B 197 -1.09 26.26 -36.43
N VAL B 198 0.00 27.04 -36.33
CA VAL B 198 0.36 27.75 -35.11
C VAL B 198 0.19 29.24 -35.35
N THR B 199 -0.54 29.89 -34.46
CA THR B 199 -0.69 31.33 -34.45
C THR B 199 -0.09 31.88 -33.16
N HIS B 200 0.83 32.83 -33.29
CA HIS B 200 1.48 33.41 -32.13
C HIS B 200 1.83 34.86 -32.41
N GLN B 201 1.80 35.73 -31.42
CA GLN B 201 2.06 37.11 -31.68
C GLN B 201 3.45 37.39 -32.21
N GLY B 202 4.39 36.54 -31.93
CA GLY B 202 5.70 36.75 -32.52
C GLY B 202 5.85 36.29 -33.94
N LEU B 203 4.80 35.76 -34.55
CA LEU B 203 4.83 35.31 -35.94
C LEU B 203 4.09 36.32 -36.80
N SER B 204 4.74 36.78 -37.88
CA SER B 204 4.10 37.71 -38.78
C SER B 204 2.81 37.14 -39.36
N SER B 205 2.76 35.83 -39.58
CA SER B 205 1.55 35.15 -40.02
C SER B 205 1.58 33.74 -39.47
N PRO B 206 0.42 33.10 -39.34
CA PRO B 206 0.41 31.72 -38.82
C PRO B 206 1.36 30.82 -39.60
N VAL B 207 2.02 29.93 -38.87
CA VAL B 207 2.97 28.99 -39.45
C VAL B 207 2.31 27.62 -39.54
N THR B 208 2.56 26.92 -40.64
CA THR B 208 2.01 25.59 -40.86
C THR B 208 3.14 24.60 -41.01
N LYS B 209 3.04 23.49 -40.28
CA LYS B 209 3.94 22.36 -40.39
C LYS B 209 3.12 21.12 -40.68
N SER B 210 3.54 20.33 -41.66
CA SER B 210 2.74 19.19 -42.08
C SER B 210 3.64 18.12 -42.67
N PHE B 211 3.08 16.90 -42.79
CA PHE B 211 3.77 15.79 -43.43
C PHE B 211 2.74 14.94 -44.16
N ASN B 212 3.22 14.23 -45.18
CA ASN B 212 2.41 13.24 -45.89
C ASN B 212 2.64 11.87 -45.29
N ARG B 213 1.54 11.19 -44.94
CA ARG B 213 1.64 9.85 -44.38
C ARG B 213 2.41 8.95 -45.33
N GLY B 214 3.63 8.59 -44.96
CA GLY B 214 4.48 7.76 -45.81
C GLY B 214 5.25 8.57 -46.84
N GLN C 1 -8.52 -32.47 -13.27
CA GLN C 1 -8.93 -31.06 -13.05
C GLN C 1 -7.68 -30.17 -13.02
N VAL C 2 -7.78 -29.03 -12.35
CA VAL C 2 -6.65 -28.10 -12.27
C VAL C 2 -5.53 -28.75 -11.49
N GLN C 3 -4.31 -28.66 -12.03
CA GLN C 3 -3.11 -29.15 -11.37
C GLN C 3 -2.06 -28.05 -11.39
N LEU C 4 -1.46 -27.81 -10.23
CA LEU C 4 -0.35 -26.86 -10.10
C LEU C 4 0.78 -27.57 -9.35
N VAL C 5 1.92 -27.73 -10.02
CA VAL C 5 3.09 -28.38 -9.43
C VAL C 5 4.18 -27.32 -9.28
N GLN C 6 4.66 -27.16 -8.05
CA GLN C 6 5.62 -26.11 -7.73
C GLN C 6 7.03 -26.69 -7.60
N SER C 7 8.01 -25.90 -8.01
CA SER C 7 9.41 -26.25 -7.83
C SER C 7 10.20 -25.01 -7.45
N GLY C 8 11.45 -25.24 -7.09
CA GLY C 8 12.31 -24.19 -6.58
C GLY C 8 12.39 -24.23 -5.06
N GLY C 9 12.81 -23.11 -4.50
CA GLY C 9 12.93 -23.01 -3.06
C GLY C 9 14.18 -23.71 -2.55
N GLY C 10 14.30 -23.72 -1.23
CA GLY C 10 15.48 -24.25 -0.58
C GLY C 10 16.13 -23.20 0.30
N LEU C 11 17.40 -23.39 0.62
CA LEU C 11 18.14 -22.47 1.48
C LEU C 11 18.93 -21.49 0.63
N VAL C 12 18.77 -20.20 0.92
CA VAL C 12 19.48 -19.14 0.20
C VAL C 12 19.92 -18.09 1.21
N LYS C 13 21.08 -17.48 0.93
CA LYS C 13 21.60 -16.47 1.83
C LYS C 13 20.89 -15.13 1.62
N PRO C 14 20.83 -14.28 2.64
CA PRO C 14 20.27 -12.94 2.44
C PRO C 14 21.02 -12.18 1.36
N GLY C 15 20.31 -11.28 0.69
CA GLY C 15 20.86 -10.55 -0.43
C GLY C 15 20.90 -11.33 -1.73
N GLY C 16 20.64 -12.64 -1.69
CA GLY C 16 20.67 -13.46 -2.88
C GLY C 16 19.34 -13.50 -3.59
N SER C 17 19.32 -14.27 -4.68
CA SER C 17 18.17 -14.36 -5.56
C SER C 17 17.69 -15.81 -5.65
N LEU C 18 16.46 -15.96 -6.10
CA LEU C 18 15.84 -17.28 -6.20
C LEU C 18 14.60 -17.14 -7.07
N THR C 19 14.39 -18.12 -7.96
CA THR C 19 13.25 -18.14 -8.85
C THR C 19 12.38 -19.34 -8.49
N LEU C 20 11.14 -19.08 -8.10
CA LEU C 20 10.17 -20.14 -7.92
C LEU C 20 9.37 -20.32 -9.20
N SER C 21 8.90 -21.54 -9.44
CA SER C 21 8.15 -21.85 -10.64
C SER C 21 6.92 -22.67 -10.28
N CYS C 22 5.92 -22.56 -11.15
CA CYS C 22 4.65 -23.27 -11.01
C CYS C 22 4.24 -23.73 -12.40
N SER C 23 4.08 -25.04 -12.58
CA SER C 23 3.66 -25.60 -13.85
C SER C 23 2.19 -25.97 -13.74
N ALA C 24 1.38 -25.48 -14.66
CA ALA C 24 -0.07 -25.61 -14.58
C ALA C 24 -0.59 -26.50 -15.70
N SER C 25 -1.64 -27.27 -15.38
CA SER C 25 -2.31 -28.10 -16.37
C SER C 25 -3.76 -28.28 -15.94
N GLY C 26 -4.60 -28.66 -16.90
CA GLY C 26 -6.00 -28.89 -16.66
C GLY C 26 -6.90 -27.69 -16.82
N PHE C 27 -6.36 -26.55 -17.29
CA PHE C 27 -7.18 -25.39 -17.60
C PHE C 27 -6.43 -24.56 -18.63
N PHE C 28 -7.13 -23.57 -19.19
CA PHE C 28 -6.53 -22.69 -20.19
C PHE C 28 -5.67 -21.67 -19.47
N PHE C 29 -4.40 -22.03 -19.29
CA PHE C 29 -3.46 -21.17 -18.56
C PHE C 29 -3.36 -19.79 -19.19
N ASP C 30 -3.38 -19.72 -20.53
CA ASP C 30 -3.21 -18.43 -21.21
C ASP C 30 -4.32 -17.46 -20.85
N ASN C 31 -5.50 -17.96 -20.50
CA ASN C 31 -6.68 -17.13 -20.27
C ASN C 31 -6.98 -16.92 -18.79
N SER C 32 -6.00 -17.14 -17.91
CA SER C 32 -6.21 -17.06 -16.47
C SER C 32 -5.20 -16.14 -15.84
N TRP C 33 -5.67 -15.29 -14.92
CA TRP C 33 -4.76 -14.58 -14.04
C TRP C 33 -4.18 -15.56 -13.02
N MET C 34 -2.97 -15.26 -12.55
CA MET C 34 -2.27 -16.14 -11.64
C MET C 34 -1.55 -15.28 -10.58
N GLY C 35 -1.18 -15.92 -9.48
CA GLY C 35 -0.51 -15.17 -8.43
C GLY C 35 0.21 -16.06 -7.43
N TRP C 36 0.67 -15.41 -6.37
CA TRP C 36 1.44 -16.05 -5.32
C TRP C 36 0.99 -15.53 -3.96
N VAL C 37 0.95 -16.42 -2.98
CA VAL C 37 0.70 -16.07 -1.59
C VAL C 37 1.76 -16.77 -0.75
N ARG C 38 2.10 -16.18 0.39
CA ARG C 38 3.11 -16.77 1.26
C ARG C 38 2.65 -16.77 2.70
N GLN C 39 3.33 -17.59 3.50
CA GLN C 39 3.04 -17.74 4.92
C GLN C 39 4.36 -17.96 5.64
N ALA C 40 4.78 -16.99 6.45
CA ALA C 40 5.97 -17.16 7.26
C ALA C 40 5.68 -18.17 8.37
N PRO C 41 6.73 -18.80 8.92
CA PRO C 41 6.52 -19.76 10.01
C PRO C 41 5.88 -19.09 11.22
N GLY C 42 4.73 -19.63 11.63
CA GLY C 42 4.01 -19.11 12.78
C GLY C 42 3.10 -17.94 12.49
N LYS C 43 2.98 -17.53 11.23
CA LYS C 43 2.20 -16.35 10.85
C LYS C 43 1.08 -16.76 9.90
N GLY C 44 0.26 -15.78 9.53
CA GLY C 44 -0.84 -15.98 8.63
C GLY C 44 -0.45 -15.77 7.18
N LEU C 45 -1.47 -15.80 6.32
CA LEU C 45 -1.27 -15.65 4.90
C LEU C 45 -0.98 -14.19 4.53
N GLU C 46 -0.17 -14.01 3.50
CA GLU C 46 0.18 -12.69 2.99
C GLU C 46 0.25 -12.76 1.48
N TRP C 47 -0.49 -11.89 0.80
CA TRP C 47 -0.51 -11.88 -0.65
C TRP C 47 0.79 -11.32 -1.19
N VAL C 48 1.38 -12.01 -2.16
CA VAL C 48 2.65 -11.60 -2.76
C VAL C 48 2.44 -10.82 -4.06
N GLY C 49 1.62 -11.34 -4.96
CA GLY C 49 1.40 -10.66 -6.22
C GLY C 49 0.56 -11.50 -7.16
N ARG C 50 0.20 -10.88 -8.28
CA ARG C 50 -0.54 -11.54 -9.34
C ARG C 50 -0.06 -11.01 -10.69
N ILE C 51 -0.35 -11.77 -11.74
CA ILE C 51 -0.04 -11.36 -13.10
C ILE C 51 -1.26 -11.64 -13.97
N ARG C 52 -1.51 -10.74 -14.93
CA ARG C 52 -2.64 -10.86 -15.82
C ARG C 52 -2.23 -11.62 -17.08
N ARG C 53 -3.19 -11.76 -18.00
CA ARG C 53 -2.90 -12.37 -19.29
C ARG C 53 -2.03 -11.45 -20.14
N LEU C 54 -1.31 -12.06 -21.09
CA LEU C 54 -0.48 -11.28 -22.00
C LEU C 54 -1.30 -10.21 -22.73
N LYS C 55 -2.53 -10.55 -23.13
CA LYS C 55 -3.37 -9.57 -23.82
C LYS C 55 -3.79 -8.43 -22.90
N ASP C 56 -3.71 -8.62 -21.59
CA ASP C 56 -4.00 -7.56 -20.63
C ASP C 56 -2.80 -6.64 -20.40
N GLY C 57 -1.65 -6.92 -21.02
CA GLY C 57 -0.43 -6.21 -20.76
C GLY C 57 0.57 -6.99 -19.92
N ALA C 58 0.24 -8.21 -19.52
CA ALA C 58 1.12 -9.02 -18.67
C ALA C 58 1.55 -8.22 -17.44
N THR C 59 0.63 -7.41 -16.93
CA THR C 59 0.95 -6.51 -15.83
C THR C 59 1.10 -7.30 -14.53
N GLY C 60 2.18 -7.02 -13.80
CA GLY C 60 2.41 -7.59 -12.49
C GLY C 60 2.03 -6.59 -11.41
N GLU C 61 1.25 -7.07 -10.44
CA GLU C 61 0.84 -6.28 -9.28
C GLU C 61 1.30 -7.00 -8.03
N TYR C 62 1.90 -6.25 -7.10
CA TYR C 62 2.62 -6.83 -5.98
C TYR C 62 2.21 -6.22 -4.66
N GLY C 63 2.34 -7.01 -3.60
CA GLY C 63 2.12 -6.50 -2.26
C GLY C 63 3.24 -5.57 -1.82
N ALA C 64 2.90 -4.71 -0.86
CA ALA C 64 3.82 -3.66 -0.45
C ALA C 64 5.11 -4.23 0.12
N ALA C 65 5.05 -5.36 0.81
CA ALA C 65 6.24 -5.92 1.43
C ALA C 65 7.28 -6.35 0.41
N VAL C 66 6.85 -6.74 -0.79
CA VAL C 66 7.75 -7.30 -1.80
C VAL C 66 7.89 -6.41 -3.02
N LYS C 67 7.16 -5.30 -3.10
CA LYS C 67 7.26 -4.43 -4.26
C LYS C 67 8.69 -3.92 -4.40
N ASP C 68 9.13 -3.77 -5.64
CA ASP C 68 10.46 -3.31 -6.03
C ASP C 68 11.51 -4.40 -5.87
N ARG C 69 11.18 -5.55 -5.27
CA ARG C 69 12.12 -6.65 -5.13
C ARG C 69 11.68 -7.90 -5.88
N PHE C 70 10.41 -8.27 -5.81
CA PHE C 70 9.93 -9.46 -6.51
C PHE C 70 9.25 -9.06 -7.80
N THR C 71 9.40 -9.89 -8.83
CA THR C 71 8.65 -9.76 -10.07
C THR C 71 8.08 -11.11 -10.46
N ILE C 72 6.87 -11.08 -11.02
CA ILE C 72 6.21 -12.26 -11.55
C ILE C 72 6.30 -12.21 -13.07
N SER C 73 6.47 -13.38 -13.69
CA SER C 73 6.43 -13.51 -15.14
C SER C 73 5.73 -14.83 -15.48
N ARG C 74 5.34 -14.96 -16.74
CA ARG C 74 4.64 -16.14 -17.21
C ARG C 74 5.15 -16.53 -18.59
N ASP C 75 5.20 -17.83 -18.85
CA ASP C 75 5.53 -18.38 -20.15
C ASP C 75 4.31 -19.18 -20.61
N ASP C 76 3.48 -18.56 -21.45
CA ASP C 76 2.23 -19.20 -21.86
C ASP C 76 2.50 -20.43 -22.72
N SER C 77 3.54 -20.39 -23.55
CA SER C 77 3.83 -21.52 -24.43
C SER C 77 4.16 -22.79 -23.63
N ARG C 78 4.46 -22.65 -22.34
CA ARG C 78 4.84 -23.78 -21.51
C ARG C 78 4.03 -23.86 -20.22
N ASN C 79 3.01 -23.01 -20.07
CA ASN C 79 2.14 -23.02 -18.89
C ASN C 79 2.96 -22.89 -17.61
N MET C 80 3.88 -21.94 -17.60
CA MET C 80 4.79 -21.72 -16.49
C MET C 80 4.57 -20.35 -15.89
N LEU C 81 4.41 -20.30 -14.57
CA LEU C 81 4.37 -19.07 -13.80
C LEU C 81 5.62 -19.01 -12.92
N TYR C 82 6.28 -17.85 -12.90
CA TYR C 82 7.54 -17.69 -12.19
C TYR C 82 7.44 -16.56 -11.16
N LEU C 83 8.17 -16.72 -10.06
CA LEU C 83 8.36 -15.66 -9.07
C LEU C 83 9.85 -15.40 -8.95
N HIS C 84 10.30 -14.26 -9.47
CA HIS C 84 11.70 -13.87 -9.39
C HIS C 84 11.91 -13.08 -8.10
N MET C 85 12.67 -13.65 -7.18
CA MET C 85 12.97 -13.01 -5.91
C MET C 85 14.43 -12.58 -5.92
N ARG C 86 14.68 -11.30 -5.63
CA ARG C 86 16.03 -10.78 -5.52
C ARG C 86 16.16 -9.96 -4.24
N THR C 87 17.40 -9.74 -3.82
CA THR C 87 17.71 -9.03 -2.58
C THR C 87 16.88 -9.60 -1.42
N LEU C 88 17.02 -10.90 -1.22
CA LEU C 88 16.19 -11.60 -0.26
C LEU C 88 16.56 -11.26 1.17
N LYS C 89 15.56 -11.24 2.04
CA LYS C 89 15.71 -10.98 3.46
C LYS C 89 15.14 -12.13 4.26
N THR C 90 15.57 -12.23 5.52
CA THR C 90 15.11 -13.33 6.37
C THR C 90 13.60 -13.33 6.50
N GLU C 91 12.98 -12.14 6.54
CA GLU C 91 11.53 -12.06 6.66
C GLU C 91 10.80 -12.53 5.40
N ASP C 92 11.51 -12.87 4.34
CA ASP C 92 10.91 -13.52 3.18
C ASP C 92 10.85 -15.03 3.33
N SER C 93 11.37 -15.59 4.42
CA SER C 93 11.27 -17.02 4.66
C SER C 93 9.82 -17.43 4.80
N GLY C 94 9.49 -18.61 4.30
CA GLY C 94 8.18 -19.17 4.50
C GLY C 94 7.81 -20.11 3.37
N THR C 95 6.52 -20.44 3.33
CA THR C 95 5.94 -21.27 2.29
C THR C 95 5.29 -20.37 1.24
N TYR C 96 5.61 -20.61 -0.02
CA TYR C 96 5.06 -19.83 -1.13
C TYR C 96 4.11 -20.71 -1.94
N TYR C 97 2.87 -20.26 -2.09
CA TYR C 97 1.85 -20.95 -2.87
C TYR C 97 1.62 -20.20 -4.17
N CYS C 98 1.67 -20.91 -5.29
CA CYS C 98 1.11 -20.35 -6.53
C CYS C 98 -0.40 -20.56 -6.52
N THR C 99 -1.11 -19.58 -7.08
CA THR C 99 -2.56 -19.59 -7.10
C THR C 99 -3.06 -19.35 -8.51
N MET C 100 -4.07 -20.12 -8.91
CA MET C 100 -4.89 -19.78 -10.06
C MET C 100 -6.00 -18.85 -9.57
N ASP C 101 -6.00 -17.63 -10.05
CA ASP C 101 -6.95 -16.62 -9.62
C ASP C 101 -8.10 -16.51 -10.63
N GLU C 102 -9.23 -16.00 -10.15
CA GLU C 102 -10.32 -15.64 -11.04
C GLU C 102 -11.15 -14.56 -10.36
N GLY C 103 -12.04 -13.95 -11.15
CA GLY C 103 -12.87 -12.87 -10.67
C GLY C 103 -14.30 -13.05 -11.11
N THR C 104 -15.18 -12.27 -10.49
CA THR C 104 -16.59 -12.24 -10.86
C THR C 104 -16.98 -10.79 -11.08
N PRO C 105 -17.57 -10.44 -12.22
CA PRO C 105 -18.00 -9.05 -12.43
C PRO C 105 -19.01 -8.63 -11.38
N VAL C 106 -18.85 -7.40 -10.87
CA VAL C 106 -19.88 -6.78 -10.06
C VAL C 106 -21.03 -6.36 -10.96
N THR C 107 -22.26 -6.67 -10.54
CA THR C 107 -23.42 -6.45 -11.38
C THR C 107 -24.16 -5.17 -11.07
N ARG C 108 -23.92 -4.54 -9.92
CA ARG C 108 -24.57 -3.27 -9.61
C ARG C 108 -24.09 -2.21 -10.60
N PHE C 109 -25.04 -1.52 -11.23
CA PHE C 109 -24.71 -0.69 -12.38
C PHE C 109 -23.64 0.35 -12.04
N LEU C 110 -23.77 1.03 -10.90
CA LEU C 110 -22.80 2.06 -10.54
C LEU C 110 -21.39 1.50 -10.41
N GLU C 111 -21.25 0.18 -10.25
CA GLU C 111 -19.94 -0.45 -10.12
C GLU C 111 -19.56 -1.31 -11.32
N TRP C 112 -20.26 -1.15 -12.45
CA TRP C 112 -19.86 -1.87 -13.66
C TRP C 112 -18.41 -1.56 -14.01
N GLY C 113 -17.62 -2.60 -14.19
CA GLY C 113 -16.19 -2.48 -14.40
C GLY C 113 -15.36 -3.01 -13.26
N TYR C 114 -15.92 -3.08 -12.06
CA TYR C 114 -15.25 -3.69 -10.92
C TYR C 114 -15.53 -5.19 -10.88
N PHE C 115 -14.76 -5.89 -10.06
CA PHE C 115 -14.88 -7.34 -9.96
C PHE C 115 -14.45 -7.78 -8.58
N TYR C 116 -15.11 -8.83 -8.09
CA TYR C 116 -14.56 -9.59 -6.98
C TYR C 116 -13.37 -10.40 -7.48
N TYR C 117 -12.35 -10.53 -6.64
CA TYR C 117 -11.12 -11.23 -6.99
C TYR C 117 -10.78 -12.19 -5.86
N TYR C 118 -10.34 -13.40 -6.23
CA TYR C 118 -10.06 -14.41 -5.22
C TYR C 118 -9.06 -15.43 -5.78
N MET C 119 -8.40 -16.13 -4.87
CA MET C 119 -7.46 -17.20 -5.20
C MET C 119 -8.25 -18.50 -5.24
N ALA C 120 -8.52 -19.01 -6.45
CA ALA C 120 -9.47 -20.09 -6.63
C ALA C 120 -8.84 -21.46 -6.41
N VAL C 121 -7.59 -21.65 -6.83
CA VAL C 121 -6.91 -22.93 -6.68
C VAL C 121 -5.48 -22.66 -6.25
N TRP C 122 -5.03 -23.37 -5.21
CA TRP C 122 -3.73 -23.14 -4.59
C TRP C 122 -2.85 -24.37 -4.78
N GLY C 123 -1.59 -24.12 -5.14
CA GLY C 123 -0.61 -25.20 -5.21
C GLY C 123 -0.27 -25.73 -3.84
N ARG C 124 0.60 -26.74 -3.82
CA ARG C 124 0.98 -27.38 -2.57
C ARG C 124 1.95 -26.55 -1.74
N GLY C 125 2.63 -25.60 -2.34
CA GLY C 125 3.54 -24.75 -1.61
C GLY C 125 4.98 -25.21 -1.71
N THR C 126 5.89 -24.25 -1.65
CA THR C 126 7.33 -24.53 -1.67
C THR C 126 7.99 -23.73 -0.55
N THR C 127 8.93 -24.36 0.13
CA THR C 127 9.56 -23.76 1.31
C THR C 127 10.80 -22.97 0.89
N VAL C 128 10.84 -21.71 1.30
CA VAL C 128 12.00 -20.84 1.10
C VAL C 128 12.57 -20.50 2.47
N ILE C 129 13.86 -20.75 2.66
CA ILE C 129 14.56 -20.39 3.88
C ILE C 129 15.66 -19.41 3.51
N VAL C 130 15.56 -18.19 4.02
CA VAL C 130 16.57 -17.16 3.81
C VAL C 130 17.34 -17.02 5.12
N SER C 131 18.60 -17.44 5.11
CA SER C 131 19.43 -17.36 6.31
C SER C 131 20.89 -17.48 5.93
N SER C 132 21.74 -16.89 6.77
CA SER C 132 23.19 -16.98 6.60
C SER C 132 23.80 -18.19 7.27
N ALA C 133 23.07 -18.84 8.18
CA ALA C 133 23.62 -19.97 8.91
C ALA C 133 23.94 -21.11 7.98
N SER C 134 25.04 -21.81 8.25
CA SER C 134 25.43 -22.94 7.44
C SER C 134 24.61 -24.18 7.81
N THR C 135 24.37 -25.02 6.81
CA THR C 135 23.73 -26.30 7.07
C THR C 135 24.56 -27.09 8.07
N LYS C 136 23.86 -27.74 9.01
CA LYS C 136 24.52 -28.44 10.09
C LYS C 136 23.61 -29.56 10.58
N GLY C 137 24.14 -30.78 10.60
CA GLY C 137 23.39 -31.92 11.07
C GLY C 137 23.23 -31.89 12.57
N PRO C 138 22.23 -32.60 13.09
CA PRO C 138 21.90 -32.51 14.52
C PRO C 138 22.79 -33.40 15.37
N SER C 139 22.81 -33.06 16.66
CA SER C 139 23.21 -33.99 17.71
C SER C 139 21.96 -34.67 18.24
N VAL C 140 22.07 -35.97 18.50
CA VAL C 140 20.95 -36.78 18.97
C VAL C 140 21.33 -37.34 20.33
N PHE C 141 20.57 -36.97 21.36
CA PHE C 141 20.82 -37.42 22.71
C PHE C 141 19.60 -38.16 23.25
N PRO C 142 19.79 -39.25 24.00
CA PRO C 142 18.63 -39.97 24.53
C PRO C 142 17.98 -39.24 25.68
N LEU C 143 16.68 -39.51 25.87
CA LEU C 143 15.91 -38.98 26.99
C LEU C 143 15.53 -40.14 27.88
N ALA C 144 16.44 -40.52 28.77
CA ALA C 144 16.26 -41.61 29.74
C ALA C 144 15.24 -42.65 29.29
N GLY C 152 5.10 -45.91 37.05
CA GLY C 152 4.10 -46.95 37.22
C GLY C 152 4.16 -48.01 36.14
N GLY C 153 3.07 -48.13 35.38
CA GLY C 153 2.98 -49.14 34.34
C GLY C 153 3.30 -48.62 32.96
N THR C 154 3.34 -47.29 32.80
CA THR C 154 3.62 -46.66 31.52
C THR C 154 4.94 -45.91 31.60
N ALA C 155 5.81 -46.14 30.61
CA ALA C 155 7.12 -45.52 30.55
C ALA C 155 7.17 -44.55 29.37
N ALA C 156 8.03 -43.55 29.49
CA ALA C 156 8.21 -42.53 28.45
C ALA C 156 9.67 -42.47 28.05
N LEU C 157 9.94 -42.62 26.76
CA LEU C 157 11.27 -42.49 26.19
C LEU C 157 11.23 -41.41 25.11
N GLY C 158 12.41 -40.93 24.74
CA GLY C 158 12.48 -39.89 23.74
C GLY C 158 13.89 -39.66 23.26
N CYS C 159 13.99 -38.78 22.28
CA CYS C 159 15.27 -38.34 21.73
C CYS C 159 15.29 -36.82 21.64
N LEU C 160 16.43 -36.23 21.97
CA LEU C 160 16.63 -34.79 21.87
C LEU C 160 17.51 -34.51 20.65
N VAL C 161 16.93 -33.89 19.63
CA VAL C 161 17.62 -33.58 18.40
C VAL C 161 18.00 -32.09 18.46
N LYS C 162 19.29 -31.81 18.56
CA LYS C 162 19.76 -30.50 18.99
C LYS C 162 20.81 -29.94 18.04
N ASP C 163 20.76 -28.62 17.85
CA ASP C 163 21.81 -27.88 17.15
C ASP C 163 21.92 -28.28 15.68
N TYR C 164 20.86 -28.11 14.91
CA TYR C 164 20.87 -28.40 13.50
C TYR C 164 20.32 -27.21 12.73
N PHE C 165 20.62 -27.18 11.43
CA PHE C 165 20.11 -26.14 10.56
C PHE C 165 20.22 -26.59 9.12
N PRO C 166 19.22 -26.31 8.27
CA PRO C 166 17.92 -25.70 8.60
C PRO C 166 16.90 -26.76 8.99
N GLU C 167 15.67 -26.34 9.26
CA GLU C 167 14.58 -27.30 9.29
C GLU C 167 14.43 -27.92 7.91
N PRO C 168 13.78 -29.10 7.82
CA PRO C 168 13.20 -29.87 8.90
C PRO C 168 14.00 -31.10 9.32
N VAL C 169 13.62 -31.66 10.46
CA VAL C 169 14.09 -32.96 10.91
C VAL C 169 12.88 -33.88 10.97
N THR C 170 13.07 -35.13 10.56
CA THR C 170 12.06 -36.17 10.66
C THR C 170 12.51 -37.21 11.68
N VAL C 171 11.58 -37.68 12.50
CA VAL C 171 11.88 -38.65 13.53
C VAL C 171 10.85 -39.77 13.45
N SER C 172 11.33 -40.99 13.24
CA SER C 172 10.53 -42.21 13.37
C SER C 172 11.15 -43.08 14.44
N TRP C 173 10.39 -44.10 14.87
CA TRP C 173 10.83 -45.01 15.91
C TRP C 173 10.76 -46.44 15.40
N ASN C 174 11.84 -47.20 15.63
CA ASN C 174 11.92 -48.59 15.19
C ASN C 174 11.64 -48.70 13.69
N SER C 175 12.16 -47.75 12.92
CA SER C 175 12.07 -47.77 11.46
C SER C 175 10.61 -47.77 11.00
N GLY C 176 9.77 -46.99 11.68
CA GLY C 176 8.38 -46.87 11.31
C GLY C 176 7.48 -47.94 11.88
N ALA C 177 8.02 -48.93 12.58
CA ALA C 177 7.17 -49.96 13.17
C ALA C 177 6.40 -49.43 14.38
N LEU C 178 7.00 -48.51 15.13
CA LEU C 178 6.38 -47.97 16.34
C LEU C 178 5.85 -46.57 16.03
N THR C 179 4.52 -46.45 16.02
CA THR C 179 3.87 -45.16 15.79
C THR C 179 2.82 -44.81 16.83
N SER C 180 2.31 -45.77 17.60
CA SER C 180 1.30 -45.49 18.61
C SER C 180 1.94 -44.75 19.78
N GLY C 181 1.44 -43.55 20.06
CA GLY C 181 1.92 -42.76 21.18
C GLY C 181 3.13 -41.91 20.90
N VAL C 182 3.49 -41.72 19.63
CA VAL C 182 4.64 -40.89 19.29
C VAL C 182 4.20 -39.43 19.26
N HIS C 183 5.02 -38.57 19.87
CA HIS C 183 4.84 -37.12 19.80
C HIS C 183 6.17 -36.50 19.46
N THR C 184 6.25 -35.88 18.29
CA THR C 184 7.41 -35.10 17.87
C THR C 184 7.03 -33.63 17.94
N PHE C 185 7.81 -32.86 18.65
CA PHE C 185 7.41 -31.49 18.90
C PHE C 185 7.92 -30.55 17.82
N PRO C 186 7.24 -29.43 17.61
CA PRO C 186 7.77 -28.41 16.69
C PRO C 186 9.15 -27.95 17.14
N ALA C 187 9.98 -27.61 16.16
CA ALA C 187 11.32 -27.13 16.47
C ALA C 187 11.25 -25.74 17.07
N VAL C 188 12.24 -25.43 17.91
CA VAL C 188 12.40 -24.11 18.49
C VAL C 188 13.79 -23.60 18.10
N LEU C 189 13.86 -22.32 17.73
CA LEU C 189 15.13 -21.70 17.39
C LEU C 189 15.85 -21.28 18.67
N GLN C 190 17.03 -21.84 18.90
CA GLN C 190 17.83 -21.48 20.06
C GLN C 190 18.51 -20.14 19.83
N SER C 191 19.02 -19.55 20.93
CA SER C 191 19.68 -18.27 20.84
C SER C 191 20.96 -18.33 20.02
N SER C 192 21.49 -19.53 19.78
CA SER C 192 22.67 -19.69 18.95
C SER C 192 22.37 -19.52 17.47
N GLY C 193 21.09 -19.62 17.08
CA GLY C 193 20.70 -19.65 15.69
C GLY C 193 20.44 -21.03 15.13
N LEU C 194 20.61 -22.08 15.94
CA LEU C 194 20.35 -23.44 15.55
C LEU C 194 19.03 -23.93 16.15
N TYR C 195 18.45 -24.93 15.50
CA TYR C 195 17.17 -25.48 15.93
C TYR C 195 17.37 -26.65 16.89
N SER C 196 16.30 -26.96 17.63
CA SER C 196 16.29 -28.08 18.54
C SER C 196 14.85 -28.56 18.70
N LEU C 197 14.67 -29.89 18.78
CA LEU C 197 13.38 -30.45 19.09
C LEU C 197 13.58 -31.77 19.81
N SER C 198 12.50 -32.26 20.40
CA SER C 198 12.46 -33.57 21.02
C SER C 198 11.36 -34.42 20.38
N SER C 199 11.57 -35.73 20.41
CA SER C 199 10.55 -36.70 20.01
C SER C 199 10.43 -37.71 21.13
N VAL C 200 9.20 -37.95 21.58
CA VAL C 200 8.95 -38.85 22.69
C VAL C 200 7.91 -39.89 22.29
N VAL C 201 7.87 -40.96 23.06
CA VAL C 201 6.90 -42.03 22.84
C VAL C 201 6.71 -42.76 24.17
N THR C 202 5.46 -43.09 24.47
CA THR C 202 5.13 -43.85 25.68
C THR C 202 4.92 -45.31 25.31
N VAL C 203 5.48 -46.20 26.13
CA VAL C 203 5.39 -47.63 25.89
C VAL C 203 5.20 -48.35 27.22
N PRO C 204 4.71 -49.59 27.18
CA PRO C 204 4.54 -50.36 28.42
C PRO C 204 5.88 -50.57 29.11
N SER C 205 5.90 -50.34 30.42
CA SER C 205 7.12 -50.55 31.20
C SER C 205 7.61 -51.98 31.09
N SER C 206 6.70 -52.94 30.94
CA SER C 206 7.09 -54.34 30.81
C SER C 206 7.82 -54.61 29.50
N SER C 207 7.69 -53.72 28.50
CA SER C 207 8.37 -53.92 27.23
C SER C 207 9.87 -53.68 27.32
N LEU C 208 10.32 -52.90 28.31
CA LEU C 208 11.73 -52.60 28.45
C LEU C 208 12.52 -53.89 28.72
N GLY C 209 13.66 -54.01 28.05
CA GLY C 209 14.47 -55.21 28.17
C GLY C 209 14.04 -56.30 27.21
N THR C 210 12.73 -56.41 26.99
CA THR C 210 12.19 -57.35 26.02
C THR C 210 12.26 -56.74 24.62
N THR C 212 13.82 -53.53 22.26
CA THR C 212 14.62 -52.31 22.12
C THR C 212 13.84 -51.21 21.39
N TYR C 213 14.11 -49.96 21.78
CA TYR C 213 13.46 -48.80 21.18
C TYR C 213 14.54 -47.89 20.60
N ILE C 214 14.42 -47.58 19.31
CA ILE C 214 15.39 -46.77 18.60
C ILE C 214 14.66 -45.66 17.88
N CYS C 215 15.15 -44.43 18.03
CA CYS C 215 14.63 -43.30 17.28
C CYS C 215 15.50 -43.09 16.04
N ASN C 216 14.86 -42.89 14.90
CA ASN C 216 15.54 -42.70 13.63
C ASN C 216 15.40 -41.24 13.23
N VAL C 217 16.48 -40.48 13.35
CA VAL C 217 16.48 -39.05 13.03
C VAL C 217 16.99 -38.88 11.60
N ASN C 218 16.23 -38.17 10.79
CA ASN C 218 16.60 -37.86 9.43
C ASN C 218 16.66 -36.34 9.25
N HIS C 219 17.78 -35.84 8.75
CA HIS C 219 17.95 -34.42 8.41
C HIS C 219 18.42 -34.37 6.96
N LYS C 220 17.46 -34.29 6.04
CA LYS C 220 17.80 -34.34 4.62
C LYS C 220 18.70 -33.18 4.18
N PRO C 221 18.49 -31.94 4.62
CA PRO C 221 19.38 -30.85 4.18
C PRO C 221 20.87 -31.17 4.35
N SER C 222 21.26 -31.93 5.38
CA SER C 222 22.64 -32.33 5.57
C SER C 222 22.85 -33.82 5.30
N ASN C 223 21.85 -34.52 4.77
CA ASN C 223 21.93 -35.96 4.52
C ASN C 223 22.43 -36.70 5.76
N THR C 224 21.81 -36.39 6.90
CA THR C 224 22.17 -37.02 8.16
C THR C 224 21.05 -37.96 8.58
N LYS C 225 21.40 -39.22 8.80
CA LYS C 225 20.47 -40.20 9.35
C LYS C 225 21.15 -40.88 10.54
N VAL C 226 20.57 -40.70 11.72
CA VAL C 226 21.13 -41.22 12.97
C VAL C 226 20.10 -42.13 13.61
N ASP C 227 20.57 -43.26 14.17
CA ASP C 227 19.72 -44.22 14.87
C ASP C 227 20.27 -44.41 16.29
N LYS C 228 19.56 -43.89 17.28
CA LYS C 228 20.03 -43.89 18.66
C LYS C 228 19.11 -44.76 19.49
N ARG C 229 19.69 -45.76 20.16
CA ARG C 229 18.93 -46.62 21.05
C ARG C 229 18.69 -45.89 22.37
N VAL C 230 17.46 -45.97 22.85
CA VAL C 230 17.06 -45.34 24.11
C VAL C 230 16.65 -46.45 25.06
N GLU C 231 17.26 -46.49 26.24
CA GLU C 231 17.02 -47.54 27.20
C GLU C 231 17.20 -46.98 28.60
N PRO C 232 16.56 -47.58 29.61
CA PRO C 232 16.68 -47.10 30.99
C PRO C 232 18.07 -47.31 31.58
N ASP D 1 -2.81 -0.72 4.11
CA ASP D 1 -3.71 0.39 4.32
C ASP D 1 -5.04 -0.07 4.91
N ILE D 2 -5.47 -1.27 4.53
CA ILE D 2 -6.70 -1.86 5.04
C ILE D 2 -6.32 -3.01 5.94
N VAL D 3 -6.74 -2.94 7.20
CA VAL D 3 -6.48 -3.98 8.19
C VAL D 3 -7.74 -4.80 8.38
N MET D 4 -7.58 -6.12 8.35
CA MET D 4 -8.66 -7.06 8.67
C MET D 4 -8.32 -7.72 10.00
N THR D 5 -9.23 -7.61 10.97
CA THR D 5 -9.04 -8.19 12.29
C THR D 5 -10.14 -9.22 12.53
N GLN D 6 -9.76 -10.46 12.75
CA GLN D 6 -10.70 -11.54 13.02
C GLN D 6 -10.80 -11.78 14.52
N SER D 7 -11.99 -12.21 14.95
CA SER D 7 -12.20 -12.57 16.33
C SER D 7 -13.23 -13.70 16.36
N PRO D 8 -13.08 -14.68 17.26
CA PRO D 8 -11.95 -14.83 18.18
C PRO D 8 -10.74 -15.39 17.43
N SER D 9 -9.55 -15.34 18.05
CA SER D 9 -8.38 -15.96 17.43
C SER D 9 -8.49 -17.49 17.44
N SER D 10 -9.23 -18.04 18.40
CA SER D 10 -9.40 -19.47 18.51
C SER D 10 -10.76 -19.77 19.13
N VAL D 11 -11.26 -20.98 18.90
CA VAL D 11 -12.50 -21.42 19.51
C VAL D 11 -12.54 -22.94 19.48
N SER D 12 -13.08 -23.51 20.57
CA SER D 12 -13.26 -24.95 20.69
C SER D 12 -14.72 -25.29 20.46
N ALA D 13 -14.96 -26.37 19.71
CA ALA D 13 -16.32 -26.77 19.37
C ALA D 13 -16.37 -28.28 19.17
N SER D 14 -17.58 -28.80 19.23
CA SER D 14 -17.85 -30.22 19.00
C SER D 14 -18.54 -30.40 17.65
N VAL D 15 -18.50 -31.64 17.15
CA VAL D 15 -19.13 -31.94 15.88
C VAL D 15 -20.63 -31.68 15.99
N GLY D 16 -21.16 -30.88 15.06
CA GLY D 16 -22.56 -30.54 15.03
C GLY D 16 -22.91 -29.18 15.61
N ASP D 17 -21.94 -28.48 16.18
CA ASP D 17 -22.20 -27.17 16.77
C ASP D 17 -22.17 -26.07 15.71
N ARG D 18 -22.69 -24.91 16.07
CA ARG D 18 -22.67 -23.74 15.22
C ARG D 18 -21.50 -22.85 15.64
N VAL D 19 -20.61 -22.57 14.70
CA VAL D 19 -19.47 -21.69 14.93
C VAL D 19 -19.68 -20.41 14.12
N THR D 20 -19.36 -19.28 14.72
CA THR D 20 -19.44 -17.98 14.07
C THR D 20 -18.11 -17.27 14.22
N ILE D 21 -17.49 -16.93 13.09
CA ILE D 21 -16.24 -16.18 13.05
C ILE D 21 -16.55 -14.80 12.49
N THR D 22 -15.99 -13.78 13.12
CA THR D 22 -16.23 -12.39 12.70
C THR D 22 -14.96 -11.79 12.10
N CYS D 23 -15.13 -11.00 11.05
CA CYS D 23 -14.06 -10.29 10.39
C CYS D 23 -14.43 -8.82 10.35
N ARG D 24 -13.52 -7.97 10.82
CA ARG D 24 -13.75 -6.53 10.88
C ARG D 24 -12.74 -5.83 9.99
N ALA D 25 -13.22 -4.89 9.19
CA ALA D 25 -12.38 -4.12 8.28
C ALA D 25 -12.19 -2.72 8.81
N SER D 26 -10.99 -2.17 8.61
CA SER D 26 -10.70 -0.80 9.04
C SER D 26 -11.49 0.25 8.27
N GLN D 27 -12.23 -0.16 7.24
CA GLN D 27 -13.01 0.78 6.46
C GLN D 27 -14.12 0.00 5.74
N ASN D 28 -15.05 0.75 5.15
CA ASN D 28 -16.12 0.15 4.38
C ASN D 28 -15.55 -0.51 3.13
N ILE D 29 -15.79 -1.81 2.98
CA ILE D 29 -15.35 -2.54 1.79
C ILE D 29 -16.54 -3.20 1.08
N ARG D 30 -17.75 -2.71 1.32
CA ARG D 30 -18.94 -3.27 0.72
C ARG D 30 -18.98 -4.78 0.92
N ASP D 31 -19.01 -5.55 -0.16
CA ASP D 31 -19.07 -7.01 -0.09
C ASP D 31 -17.85 -7.67 -0.72
N TYR D 32 -16.75 -6.92 -0.88
CA TYR D 32 -15.53 -7.45 -1.49
C TYR D 32 -14.72 -8.17 -0.42
N LEU D 33 -15.18 -9.38 -0.07
CA LEU D 33 -14.56 -10.15 0.99
C LEU D 33 -14.60 -11.63 0.65
N ASN D 34 -13.47 -12.31 0.85
CA ASN D 34 -13.36 -13.74 0.68
C ASN D 34 -13.13 -14.43 2.03
N TRP D 35 -13.51 -15.71 2.08
CA TRP D 35 -13.18 -16.58 3.20
C TRP D 35 -12.43 -17.79 2.67
N TYR D 36 -11.35 -18.16 3.35
CA TYR D 36 -10.55 -19.32 2.99
C TYR D 36 -10.45 -20.29 4.16
N GLN D 37 -10.25 -21.57 3.83
CA GLN D 37 -10.03 -22.61 4.82
C GLN D 37 -8.65 -23.21 4.63
N HIS D 38 -7.94 -23.46 5.73
CA HIS D 38 -6.60 -24.01 5.68
C HIS D 38 -6.42 -25.05 6.77
N LYS D 39 -6.12 -26.28 6.38
CA LYS D 39 -5.82 -27.36 7.31
C LYS D 39 -4.34 -27.68 7.26
N PRO D 40 -3.67 -27.87 8.41
CA PRO D 40 -2.23 -28.13 8.38
C PRO D 40 -1.89 -29.35 7.56
N GLY D 41 -0.84 -29.25 6.75
CA GLY D 41 -0.49 -30.29 5.82
C GLY D 41 -1.22 -30.21 4.50
N GLY D 42 -2.02 -29.18 4.28
CA GLY D 42 -2.72 -28.99 3.04
C GLY D 42 -2.57 -27.56 2.54
N SER D 43 -3.10 -27.32 1.38
CA SER D 43 -3.07 -25.98 0.84
C SER D 43 -4.37 -25.25 1.13
N PRO D 44 -4.35 -23.92 1.25
CA PRO D 44 -5.59 -23.19 1.51
C PRO D 44 -6.64 -23.41 0.44
N ARG D 45 -7.90 -23.21 0.82
CA ARG D 45 -9.05 -23.53 0.00
C ARG D 45 -10.05 -22.39 0.06
N LEU D 46 -10.54 -21.97 -1.11
CA LEU D 46 -11.51 -20.88 -1.17
C LEU D 46 -12.89 -21.39 -0.78
N LEU D 47 -13.55 -20.68 0.13
CA LEU D 47 -14.90 -21.00 0.56
C LEU D 47 -15.94 -20.06 -0.04
N ILE D 48 -15.73 -18.75 0.08
CA ILE D 48 -16.75 -17.75 -0.20
C ILE D 48 -16.09 -16.55 -0.86
N TYR D 49 -16.79 -15.95 -1.83
CA TYR D 49 -16.43 -14.65 -2.36
C TYR D 49 -17.68 -13.78 -2.37
N ALA D 50 -17.48 -12.49 -2.62
CA ALA D 50 -18.55 -11.51 -2.57
C ALA D 50 -19.27 -11.53 -1.21
N ALA D 51 -18.52 -11.86 -0.17
CA ALA D 51 -19.00 -11.86 1.22
C ALA D 51 -19.91 -13.03 1.53
N SER D 52 -20.76 -13.46 0.58
CA SER D 52 -21.74 -14.48 0.86
C SER D 52 -21.96 -15.49 -0.26
N THR D 53 -21.29 -15.36 -1.40
CA THR D 53 -21.47 -16.30 -2.50
C THR D 53 -20.56 -17.51 -2.29
N LEU D 54 -21.16 -18.70 -2.27
CA LEU D 54 -20.41 -19.93 -2.09
C LEU D 54 -19.71 -20.33 -3.38
N GLN D 55 -18.45 -20.75 -3.24
CA GLN D 55 -17.70 -21.28 -4.37
C GLN D 55 -18.23 -22.66 -4.74
N THR D 56 -18.13 -23.02 -6.02
CA THR D 56 -18.58 -24.32 -6.47
C THR D 56 -17.79 -25.42 -5.78
N GLY D 57 -18.51 -26.40 -5.23
CA GLY D 57 -17.91 -27.50 -4.50
C GLY D 57 -17.90 -27.32 -2.99
N VAL D 58 -18.24 -26.15 -2.49
CA VAL D 58 -18.22 -25.88 -1.05
C VAL D 58 -19.57 -26.29 -0.47
N PRO D 59 -19.60 -27.06 0.63
CA PRO D 59 -20.89 -27.44 1.21
C PRO D 59 -21.69 -26.23 1.67
N SER D 60 -23.02 -26.35 1.57
CA SER D 60 -23.91 -25.30 2.06
C SER D 60 -23.80 -25.09 3.56
N ARG D 61 -23.11 -25.98 4.28
CA ARG D 61 -22.90 -25.80 5.70
C ARG D 61 -22.21 -24.47 6.01
N PHE D 62 -21.43 -23.96 5.06
CA PHE D 62 -20.75 -22.67 5.23
C PHE D 62 -21.61 -21.56 4.65
N SER D 63 -21.77 -20.48 5.41
CA SER D 63 -22.55 -19.33 4.95
C SER D 63 -21.90 -18.06 5.45
N GLY D 64 -21.79 -17.07 4.56
CA GLY D 64 -21.19 -15.79 4.90
C GLY D 64 -22.24 -14.69 4.87
N SER D 65 -22.04 -13.66 5.68
CA SER D 65 -22.97 -12.54 5.74
C SER D 65 -22.18 -11.30 6.16
N GLY D 66 -22.86 -10.16 6.06
CA GLY D 66 -22.26 -8.89 6.44
C GLY D 66 -21.92 -8.04 5.21
N SER D 67 -21.73 -6.76 5.46
CA SER D 67 -21.38 -5.80 4.43
C SER D 67 -20.79 -4.58 5.13
N GLY D 68 -20.07 -3.78 4.36
CA GLY D 68 -19.46 -2.59 4.91
C GLY D 68 -18.14 -2.88 5.60
N ASN D 69 -18.16 -3.02 6.94
CA ASN D 69 -16.95 -3.25 7.70
C ASN D 69 -17.06 -4.40 8.70
N LEU D 70 -18.19 -5.09 8.77
CA LEU D 70 -18.38 -6.21 9.71
C LEU D 70 -18.92 -7.40 8.93
N PHE D 71 -18.18 -8.51 8.98
CA PHE D 71 -18.54 -9.71 8.25
C PHE D 71 -18.44 -10.91 9.17
N THR D 72 -19.23 -11.95 8.88
CA THR D 72 -19.23 -13.16 9.70
C THR D 72 -19.26 -14.39 8.80
N LEU D 73 -18.52 -15.41 9.21
CA LEU D 73 -18.60 -16.74 8.62
C LEU D 73 -19.28 -17.67 9.62
N THR D 74 -20.27 -18.43 9.15
CA THR D 74 -21.04 -19.32 10.01
C THR D 74 -20.91 -20.75 9.49
N ILE D 75 -20.61 -21.68 10.39
CA ILE D 75 -20.59 -23.10 10.10
C ILE D 75 -21.65 -23.74 10.98
N THR D 76 -22.73 -24.20 10.37
CA THR D 76 -23.91 -24.63 11.13
C THR D 76 -23.71 -26.03 11.72
N ASN D 77 -23.64 -27.05 10.87
CA ASN D 77 -23.54 -28.44 11.32
C ASN D 77 -22.08 -28.88 11.25
N LEU D 78 -21.30 -28.37 12.20
CA LEU D 78 -19.84 -28.52 12.15
C LEU D 78 -19.45 -29.98 11.96
N GLN D 79 -18.59 -30.22 10.97
CA GLN D 79 -18.15 -31.55 10.59
C GLN D 79 -16.69 -31.77 10.97
N PRO D 80 -16.25 -33.03 11.05
CA PRO D 80 -14.84 -33.28 11.43
C PRO D 80 -13.84 -32.59 10.52
N GLU D 81 -14.11 -32.52 9.22
CA GLU D 81 -13.17 -31.90 8.30
C GLU D 81 -13.15 -30.38 8.41
N ASP D 82 -14.03 -29.80 9.21
CA ASP D 82 -14.11 -28.35 9.34
C ASP D 82 -13.21 -27.79 10.44
N PHE D 83 -12.55 -28.65 11.23
CA PHE D 83 -11.60 -28.18 12.22
C PHE D 83 -10.33 -27.73 11.51
N ALA D 84 -10.10 -26.43 11.48
CA ALA D 84 -9.07 -25.84 10.63
C ALA D 84 -8.88 -24.39 11.05
N THR D 85 -8.05 -23.67 10.30
CA THR D 85 -7.88 -22.23 10.45
C THR D 85 -8.57 -21.52 9.29
N TYR D 86 -9.31 -20.47 9.61
CA TYR D 86 -10.08 -19.73 8.62
C TYR D 86 -9.57 -18.30 8.52
N TYR D 87 -9.52 -17.78 7.30
CA TYR D 87 -9.05 -16.43 7.03
C TYR D 87 -10.07 -15.68 6.18
N CYS D 88 -10.29 -14.42 6.52
CA CYS D 88 -10.98 -13.52 5.60
C CYS D 88 -9.96 -12.75 4.78
N GLN D 89 -10.41 -12.21 3.65
CA GLN D 89 -9.53 -11.46 2.77
C GLN D 89 -10.33 -10.38 2.06
N GLU D 90 -9.89 -9.12 2.22
CA GLU D 90 -10.47 -8.02 1.48
C GLU D 90 -9.95 -8.02 0.05
N ASN D 91 -10.81 -7.62 -0.89
CA ASN D 91 -10.43 -7.46 -2.29
C ASN D 91 -11.16 -6.26 -2.88
N TYR D 92 -11.05 -5.11 -2.21
CA TYR D 92 -11.86 -3.94 -2.50
C TYR D 92 -11.18 -2.93 -3.41
N ASN D 93 -9.87 -2.73 -3.26
CA ASN D 93 -9.19 -1.67 -3.99
C ASN D 93 -8.88 -2.09 -5.43
N THR D 94 -8.89 -1.11 -6.34
CA THR D 94 -8.48 -1.38 -7.71
C THR D 94 -6.98 -1.59 -7.80
N ILE D 95 -6.21 -0.84 -7.02
CA ILE D 95 -4.81 -1.17 -6.79
C ILE D 95 -4.78 -2.19 -5.66
N PRO D 96 -4.52 -3.46 -5.94
CA PRO D 96 -4.81 -4.50 -4.95
C PRO D 96 -3.88 -4.46 -3.75
N SER D 97 -4.47 -4.63 -2.57
CA SER D 97 -3.74 -5.01 -1.37
C SER D 97 -4.07 -6.41 -0.90
N LEU D 98 -5.31 -6.87 -1.08
CA LEU D 98 -5.71 -8.24 -0.83
C LEU D 98 -5.26 -8.71 0.56
N SER D 99 -5.54 -7.86 1.55
CA SER D 99 -5.11 -8.13 2.92
C SER D 99 -5.92 -9.27 3.53
N PHE D 100 -5.22 -10.21 4.16
CA PHE D 100 -5.85 -11.28 4.94
C PHE D 100 -6.05 -10.83 6.38
N GLY D 101 -7.03 -11.44 7.04
CA GLY D 101 -7.09 -11.39 8.49
C GLY D 101 -6.02 -12.29 9.09
N GLN D 102 -5.86 -12.19 10.42
CA GLN D 102 -4.82 -12.96 11.08
C GLN D 102 -5.17 -14.44 11.20
N GLY D 103 -6.43 -14.79 11.08
CA GLY D 103 -6.82 -16.19 11.10
C GLY D 103 -7.54 -16.56 12.38
N THR D 104 -8.43 -17.56 12.28
CA THR D 104 -9.17 -18.09 13.41
C THR D 104 -9.10 -19.61 13.34
N LYS D 105 -8.55 -20.22 14.38
CA LYS D 105 -8.39 -21.67 14.45
C LYS D 105 -9.55 -22.27 15.22
N VAL D 106 -10.19 -23.29 14.64
CA VAL D 106 -11.30 -23.99 15.26
C VAL D 106 -10.79 -25.34 15.75
N ASP D 107 -10.86 -25.54 17.07
CA ASP D 107 -10.30 -26.71 17.73
C ASP D 107 -11.42 -27.65 18.19
N ILE D 108 -11.03 -28.90 18.43
CA ILE D 108 -11.97 -29.94 18.85
C ILE D 108 -12.10 -29.90 20.36
N ARG D 109 -13.33 -30.00 20.84
CA ARG D 109 -13.61 -29.97 22.27
C ARG D 109 -13.69 -31.39 22.81
N ARG D 110 -13.15 -31.58 24.02
CA ARG D 110 -13.19 -32.87 24.69
C ARG D 110 -13.13 -32.62 26.19
N THR D 111 -13.25 -33.71 26.96
CA THR D 111 -13.17 -33.59 28.41
C THR D 111 -11.81 -33.06 28.83
N VAL D 112 -11.78 -32.41 30.00
CA VAL D 112 -10.52 -31.98 30.58
C VAL D 112 -9.67 -33.21 30.89
N ALA D 113 -8.38 -33.13 30.57
CA ALA D 113 -7.45 -34.22 30.83
C ALA D 113 -6.15 -33.63 31.34
N ALA D 114 -5.78 -33.97 32.56
CA ALA D 114 -4.54 -33.48 33.13
C ALA D 114 -3.36 -34.12 32.41
N PRO D 115 -2.21 -33.44 32.37
CA PRO D 115 -1.03 -34.04 31.73
C PRO D 115 -0.40 -35.13 32.58
N SER D 116 0.16 -36.12 31.90
CA SER D 116 1.10 -37.04 32.52
C SER D 116 2.49 -36.42 32.42
N VAL D 117 3.12 -36.19 33.58
CA VAL D 117 4.35 -35.41 33.65
C VAL D 117 5.53 -36.35 33.82
N PHE D 118 6.56 -36.15 33.00
CA PHE D 118 7.82 -36.87 33.11
C PHE D 118 8.97 -35.87 33.04
N ILE D 119 10.05 -36.17 33.75
CA ILE D 119 11.26 -35.36 33.71
C ILE D 119 12.42 -36.23 33.26
N PHE D 120 13.30 -35.66 32.44
CA PHE D 120 14.44 -36.38 31.88
C PHE D 120 15.73 -35.66 32.25
N PRO D 121 16.70 -36.32 32.87
CA PRO D 121 17.97 -35.66 33.15
C PRO D 121 18.83 -35.59 31.89
N PRO D 122 19.88 -34.77 31.90
CA PRO D 122 20.78 -34.74 30.74
C PRO D 122 21.46 -36.08 30.54
N SER D 123 21.60 -36.48 29.27
CA SER D 123 22.22 -37.74 28.96
C SER D 123 23.74 -37.68 29.15
N ASP D 124 24.35 -38.85 29.32
CA ASP D 124 25.80 -38.90 29.51
C ASP D 124 26.55 -38.35 28.31
N GLU D 125 25.99 -38.51 27.10
CA GLU D 125 26.68 -38.06 25.90
C GLU D 125 26.72 -36.54 25.82
N GLN D 126 25.64 -35.88 26.25
CA GLN D 126 25.59 -34.42 26.16
C GLN D 126 26.56 -33.76 27.14
N LEU D 127 26.68 -34.31 28.34
CA LEU D 127 27.58 -33.74 29.33
C LEU D 127 29.01 -33.66 28.81
N LYS D 128 29.43 -34.62 28.00
CA LYS D 128 30.77 -34.58 27.41
C LYS D 128 30.96 -33.34 26.56
N SER D 129 29.87 -32.78 26.02
CA SER D 129 29.97 -31.63 25.13
C SER D 129 30.06 -30.30 25.88
N GLY D 130 29.90 -30.30 27.20
CA GLY D 130 29.97 -29.08 27.97
C GLY D 130 28.66 -28.35 28.16
N THR D 131 27.53 -28.98 27.84
CA THR D 131 26.22 -28.38 28.00
C THR D 131 25.27 -29.42 28.56
N ALA D 132 24.20 -28.95 29.20
CA ALA D 132 23.22 -29.82 29.82
C ALA D 132 21.82 -29.27 29.57
N SER D 133 20.89 -30.16 29.27
CA SER D 133 19.50 -29.78 29.05
C SER D 133 18.58 -30.78 29.76
N VAL D 134 17.67 -30.26 30.56
CA VAL D 134 16.69 -31.05 31.30
C VAL D 134 15.34 -30.86 30.65
N VAL D 135 14.64 -31.95 30.37
CA VAL D 135 13.39 -31.93 29.62
C VAL D 135 12.24 -32.35 30.54
N CYS D 136 11.16 -31.57 30.51
CA CYS D 136 9.94 -31.87 31.25
C CYS D 136 8.83 -32.06 30.22
N LEU D 137 8.16 -33.21 30.29
CA LEU D 137 7.16 -33.60 29.30
C LEU D 137 5.77 -33.54 29.92
N LEU D 138 4.87 -32.82 29.26
CA LEU D 138 3.45 -32.79 29.61
C LEU D 138 2.69 -33.49 28.50
N ASN D 139 2.19 -34.69 28.77
CA ASN D 139 1.69 -35.59 27.75
C ASN D 139 0.17 -35.70 27.81
N ASN D 140 -0.47 -35.50 26.66
CA ASN D 140 -1.89 -35.82 26.46
C ASN D 140 -2.79 -35.09 27.47
N PHE D 141 -2.80 -33.76 27.37
CA PHE D 141 -3.66 -32.94 28.21
C PHE D 141 -4.60 -32.11 27.37
N TYR D 142 -5.66 -31.61 28.03
CA TYR D 142 -6.63 -30.71 27.43
C TYR D 142 -7.33 -29.99 28.56
N PRO D 143 -7.57 -28.66 28.45
CA PRO D 143 -7.24 -27.80 27.32
C PRO D 143 -5.76 -27.41 27.27
N ARG D 144 -5.40 -26.58 26.28
CA ARG D 144 -4.00 -26.31 25.99
C ARG D 144 -3.32 -25.46 27.05
N GLU D 145 -4.06 -24.69 27.84
CA GLU D 145 -3.45 -23.79 28.80
C GLU D 145 -2.74 -24.57 29.89
N ALA D 146 -1.46 -24.26 30.08
CA ALA D 146 -0.66 -24.93 31.10
C ALA D 146 0.51 -24.03 31.48
N LYS D 147 0.98 -24.19 32.72
CA LYS D 147 2.13 -23.45 33.24
C LYS D 147 3.18 -24.44 33.71
N VAL D 148 4.43 -24.19 33.35
CA VAL D 148 5.56 -25.04 33.72
C VAL D 148 6.63 -24.15 34.33
N GLN D 149 7.00 -24.43 35.57
CA GLN D 149 8.02 -23.68 36.30
C GLN D 149 9.14 -24.61 36.70
N TRP D 150 10.38 -24.19 36.44
CA TRP D 150 11.56 -24.98 36.78
C TRP D 150 12.14 -24.50 38.11
N LYS D 151 12.71 -25.45 38.85
CA LYS D 151 13.35 -25.16 40.13
C LYS D 151 14.61 -26.00 40.25
N VAL D 152 15.73 -25.34 40.56
CA VAL D 152 17.01 -26.01 40.78
C VAL D 152 17.42 -25.75 42.22
N ASP D 153 17.29 -26.76 43.07
CA ASP D 153 17.56 -26.64 44.50
C ASP D 153 16.70 -25.54 45.13
N ASN D 154 15.42 -25.52 44.77
CA ASN D 154 14.42 -24.59 45.27
C ASN D 154 14.53 -23.21 44.63
N ALA D 155 15.53 -22.98 43.79
CA ALA D 155 15.70 -21.69 43.11
C ALA D 155 14.87 -21.68 41.84
N LEU D 156 13.91 -20.75 41.76
CA LEU D 156 13.06 -20.65 40.59
C LEU D 156 13.85 -20.16 39.39
N GLN D 157 13.74 -20.86 38.27
CA GLN D 157 14.47 -20.53 37.06
C GLN D 157 13.65 -19.59 36.20
N SER D 158 14.32 -18.62 35.58
CA SER D 158 13.65 -17.58 34.81
C SER D 158 14.50 -17.22 33.60
N GLY D 159 13.96 -17.48 32.41
CA GLY D 159 14.62 -17.06 31.18
C GLY D 159 15.69 -17.99 30.66
N ASN D 160 15.62 -19.28 31.01
CA ASN D 160 16.58 -20.25 30.49
C ASN D 160 15.88 -21.55 30.08
N SER D 161 14.61 -21.47 29.72
CA SER D 161 13.85 -22.63 29.28
C SER D 161 13.06 -22.28 28.03
N GLN D 162 12.71 -23.30 27.26
CA GLN D 162 11.95 -23.13 26.03
C GLN D 162 10.84 -24.16 25.97
N GLU D 163 9.64 -23.72 25.62
CA GLU D 163 8.48 -24.58 25.50
C GLU D 163 8.13 -24.81 24.03
N SER D 164 7.58 -25.99 23.76
CA SER D 164 7.03 -26.31 22.45
C SER D 164 5.85 -27.24 22.65
N VAL D 165 4.80 -27.03 21.86
CA VAL D 165 3.55 -27.76 22.01
C VAL D 165 3.14 -28.31 20.65
N THR D 166 2.53 -29.49 20.67
CA THR D 166 2.03 -30.12 19.46
C THR D 166 0.63 -29.64 19.15
N GLU D 167 0.23 -29.81 17.89
CA GLU D 167 -1.18 -29.66 17.54
C GLU D 167 -1.98 -30.80 18.16
N GLN D 168 -3.27 -30.55 18.39
CA GLN D 168 -4.05 -31.52 19.13
C GLN D 168 -4.17 -32.81 18.34
N ASP D 169 -3.98 -33.93 19.04
CA ASP D 169 -3.89 -35.24 18.38
C ASP D 169 -5.19 -35.57 17.65
N SER D 170 -5.05 -36.17 16.48
CA SER D 170 -6.22 -36.49 15.66
C SER D 170 -7.07 -37.59 16.28
N LYS D 171 -6.52 -38.38 17.20
CA LYS D 171 -7.24 -39.51 17.77
C LYS D 171 -7.92 -39.16 19.09
N ASP D 172 -7.20 -38.56 20.04
CA ASP D 172 -7.74 -38.25 21.35
C ASP D 172 -7.93 -36.75 21.58
N SER D 173 -7.52 -35.90 20.65
CA SER D 173 -7.76 -34.46 20.72
C SER D 173 -7.02 -33.78 21.87
N THR D 174 -5.95 -34.38 22.37
CA THR D 174 -5.16 -33.78 23.43
C THR D 174 -3.94 -33.08 22.84
N TYR D 175 -3.29 -32.28 23.68
CA TYR D 175 -2.02 -31.67 23.36
C TYR D 175 -0.91 -32.33 24.17
N SER D 176 0.32 -32.13 23.71
CA SER D 176 1.50 -32.45 24.50
C SER D 176 2.46 -31.27 24.45
N LEU D 177 3.26 -31.13 25.49
CA LEU D 177 4.17 -30.00 25.63
C LEU D 177 5.49 -30.49 26.17
N SER D 178 6.58 -29.89 25.68
CA SER D 178 7.91 -30.15 26.18
C SER D 178 8.53 -28.83 26.61
N SER D 179 9.10 -28.80 27.82
CA SER D 179 9.85 -27.66 28.32
C SER D 179 11.28 -28.11 28.57
N THR D 180 12.23 -27.42 27.93
CA THR D 180 13.64 -27.79 27.99
C THR D 180 14.40 -26.72 28.78
N LEU D 181 14.96 -27.13 29.91
CA LEU D 181 15.82 -26.25 30.71
C LEU D 181 17.26 -26.47 30.29
N THR D 182 17.93 -25.41 29.84
CA THR D 182 19.30 -25.49 29.37
C THR D 182 20.23 -24.87 30.40
N LEU D 183 21.26 -25.62 30.79
CA LEU D 183 22.29 -25.14 31.70
C LEU D 183 23.64 -25.66 31.23
N SER D 184 24.70 -25.02 31.72
CA SER D 184 26.04 -25.51 31.45
C SER D 184 26.30 -26.79 32.21
N LYS D 185 27.29 -27.56 31.73
CA LYS D 185 27.62 -28.82 32.41
C LYS D 185 28.13 -28.55 33.82
N ALA D 186 28.86 -27.46 34.03
CA ALA D 186 29.37 -27.15 35.35
C ALA D 186 28.24 -26.84 36.32
N ASP D 187 27.30 -25.97 35.92
CA ASP D 187 26.17 -25.64 36.79
C ASP D 187 25.32 -26.87 37.09
N TYR D 188 25.26 -27.82 36.14
CA TYR D 188 24.50 -29.04 36.39
C TYR D 188 25.18 -29.91 37.44
N GLU D 189 26.48 -30.12 37.31
CA GLU D 189 27.23 -30.91 38.27
C GLU D 189 27.34 -30.22 39.63
N LYS D 190 26.99 -28.95 39.72
CA LYS D 190 27.09 -28.20 40.97
C LYS D 190 25.85 -28.32 41.84
N HIS D 191 24.70 -28.64 41.27
CA HIS D 191 23.45 -28.74 42.00
C HIS D 191 22.95 -30.18 42.02
N LYS D 192 21.98 -30.43 42.88
CA LYS D 192 21.52 -31.79 43.18
C LYS D 192 20.10 -32.06 42.71
N VAL D 193 19.15 -31.21 43.06
CA VAL D 193 17.73 -31.44 42.76
C VAL D 193 17.32 -30.61 41.56
N TYR D 194 16.50 -31.22 40.72
CA TYR D 194 15.91 -30.60 39.52
C TYR D 194 14.41 -30.89 39.50
N ALA D 195 13.58 -29.86 39.38
CA ALA D 195 12.15 -30.08 39.41
C ALA D 195 11.46 -29.16 38.40
N CYS D 196 10.37 -29.66 37.80
CA CYS D 196 9.46 -28.84 37.02
C CYS D 196 8.07 -28.92 37.64
N GLU D 197 7.49 -27.76 37.92
CA GLU D 197 6.19 -27.65 38.58
C GLU D 197 5.14 -27.31 37.54
N VAL D 198 4.10 -28.14 37.46
CA VAL D 198 3.08 -28.04 36.41
C VAL D 198 1.76 -27.61 37.05
N THR D 199 1.14 -26.60 36.46
CA THR D 199 -0.20 -26.14 36.86
C THR D 199 -1.13 -26.32 35.68
N HIS D 200 -2.27 -26.98 35.93
CA HIS D 200 -3.23 -27.25 34.87
C HIS D 200 -4.62 -27.40 35.47
N GLN D 201 -5.63 -27.13 34.65
CA GLN D 201 -7.01 -27.14 35.13
C GLN D 201 -7.42 -28.52 35.62
N GLY D 202 -6.94 -29.57 34.96
CA GLY D 202 -7.30 -30.93 35.32
C GLY D 202 -6.63 -31.47 36.56
N LEU D 203 -5.69 -30.73 37.14
CA LEU D 203 -5.01 -31.12 38.36
C LEU D 203 -5.69 -30.48 39.56
N SER D 204 -5.90 -31.27 40.61
CA SER D 204 -6.46 -30.72 41.84
C SER D 204 -5.50 -29.71 42.47
N SER D 205 -4.21 -29.91 42.28
CA SER D 205 -3.19 -28.99 42.77
C SER D 205 -1.96 -29.13 41.90
N PRO D 206 -1.07 -28.13 41.89
CA PRO D 206 0.14 -28.24 41.07
C PRO D 206 0.92 -29.51 41.38
N VAL D 207 1.48 -30.09 40.33
CA VAL D 207 2.25 -31.33 40.42
C VAL D 207 3.73 -31.01 40.20
N THR D 208 4.60 -31.70 40.94
CA THR D 208 6.03 -31.52 40.85
C THR D 208 6.69 -32.85 40.53
N LYS D 209 7.54 -32.86 39.49
CA LYS D 209 8.37 -34.00 39.16
C LYS D 209 9.83 -33.58 39.26
N SER D 210 10.66 -34.45 39.84
CA SER D 210 12.03 -34.05 40.15
C SER D 210 12.95 -35.27 40.21
N PHE D 211 14.22 -34.98 40.32
CA PHE D 211 15.21 -36.00 40.46
C PHE D 211 16.48 -35.42 41.12
N ASN D 212 17.31 -36.31 41.64
CA ASN D 212 18.54 -35.93 42.31
C ASN D 212 19.73 -36.32 41.45
N ARG D 213 20.61 -35.36 41.18
CA ARG D 213 21.80 -35.61 40.36
C ARG D 213 22.71 -36.64 41.00
N LYS E 1 -2.41 23.40 31.47
CA LYS E 1 -3.67 22.71 31.19
C LYS E 1 -4.72 23.68 30.79
N LYS E 2 -4.69 24.88 31.34
CA LYS E 2 -5.67 25.86 30.98
C LYS E 2 -5.27 26.40 29.64
N LYS E 3 -6.25 26.62 28.81
CA LYS E 3 -6.02 27.02 27.43
C LYS E 3 -6.72 28.34 27.18
N TRP E 4 -5.95 29.35 26.76
CA TRP E 4 -6.47 30.66 26.40
C TRP E 4 -6.09 30.94 24.96
N ASN E 5 -7.03 31.46 24.17
CA ASN E 5 -6.69 31.90 22.82
C ASN E 5 -7.69 32.96 22.37
N TRP E 6 -7.59 33.31 21.09
CA TRP E 6 -8.41 34.36 20.51
C TRP E 6 -9.90 34.08 20.69
N PHE E 7 -10.31 32.81 20.60
CA PHE E 7 -11.72 32.46 20.65
C PHE E 7 -12.30 32.74 22.03
N ASP E 8 -11.49 32.62 23.08
CA ASP E 8 -11.94 32.99 24.42
C ASP E 8 -12.22 34.49 24.51
N ILE E 9 -11.37 35.31 23.89
CA ILE E 9 -11.63 36.75 23.82
C ILE E 9 -12.98 36.99 23.15
N THR E 10 -13.17 36.46 21.95
CA THR E 10 -14.33 36.81 21.15
C THR E 10 -15.63 36.39 21.85
N ASN E 11 -15.63 35.22 22.49
CA ASN E 11 -16.80 34.80 23.24
C ASN E 11 -17.03 35.67 24.46
N TRP E 12 -15.95 36.16 25.07
CA TRP E 12 -16.10 37.10 26.17
C TRP E 12 -16.71 38.41 25.68
N LEU E 13 -16.21 38.95 24.57
CA LEU E 13 -16.78 40.18 24.02
C LEU E 13 -18.21 39.98 23.56
N TRP E 14 -18.50 38.83 22.95
CA TRP E 14 -19.88 38.52 22.55
C TRP E 14 -20.80 38.51 23.77
N TYR E 15 -20.42 37.76 24.81
CA TYR E 15 -21.23 37.67 26.02
C TYR E 15 -21.50 39.07 26.60
N ILE E 16 -20.47 39.90 26.66
CA ILE E 16 -20.64 41.27 27.16
C ILE E 16 -21.63 42.03 26.29
N ARG E 17 -21.40 42.05 24.98
CA ARG E 17 -22.25 42.81 24.06
C ARG E 17 -23.70 42.40 24.10
N LYS E 18 -23.95 41.09 24.16
CA LYS E 18 -25.29 40.61 24.16
C LYS E 18 -25.92 40.55 25.50
N LYS E 19 -25.24 41.02 26.52
CA LYS E 19 -25.81 41.00 27.85
C LYS E 19 -25.24 42.04 28.75
N LYS F 1 -6.74 -16.80 -31.57
CA LYS F 1 -8.06 -16.18 -31.64
C LYS F 1 -8.35 -15.41 -30.35
N LYS F 2 -9.56 -14.88 -30.23
CA LYS F 2 -9.92 -14.02 -29.10
C LYS F 2 -10.18 -14.88 -27.86
N LYS F 3 -9.55 -14.48 -26.75
CA LYS F 3 -9.78 -15.11 -25.45
C LYS F 3 -10.81 -14.31 -24.67
N TRP F 4 -11.74 -15.02 -24.03
CA TRP F 4 -12.77 -14.39 -23.21
C TRP F 4 -12.72 -14.95 -21.80
N ASN F 5 -12.70 -14.07 -20.81
CA ASN F 5 -12.79 -14.48 -19.42
C ASN F 5 -13.53 -13.41 -18.63
N TRP F 6 -13.56 -13.56 -17.31
CA TRP F 6 -14.27 -12.64 -16.44
C TRP F 6 -13.80 -11.20 -16.64
N PHE F 7 -12.51 -11.00 -16.94
CA PHE F 7 -11.98 -9.63 -17.04
C PHE F 7 -12.46 -8.95 -18.31
N ASP F 8 -12.58 -9.69 -19.41
CA ASP F 8 -13.15 -9.11 -20.62
C ASP F 8 -14.59 -8.67 -20.38
N ILE F 9 -15.35 -9.45 -19.61
CA ILE F 9 -16.72 -9.06 -19.27
C ILE F 9 -16.73 -7.71 -18.57
N THR F 10 -15.90 -7.57 -17.52
CA THR F 10 -15.90 -6.34 -16.74
C THR F 10 -15.49 -5.14 -17.59
N ASN F 11 -14.62 -5.35 -18.59
CA ASN F 11 -14.21 -4.25 -19.44
C ASN F 11 -15.32 -3.82 -20.40
N TRP F 12 -16.17 -4.76 -20.80
CA TRP F 12 -17.33 -4.39 -21.62
C TRP F 12 -18.36 -3.65 -20.80
N LEU F 13 -18.57 -4.07 -19.53
CA LEU F 13 -19.49 -3.33 -18.67
C LEU F 13 -18.98 -1.93 -18.39
N TRP F 14 -17.68 -1.81 -18.18
CA TRP F 14 -17.14 -0.49 -17.97
C TRP F 14 -17.31 0.38 -19.19
N TYR F 15 -17.00 -0.17 -20.37
CA TYR F 15 -17.18 0.57 -21.61
C TYR F 15 -18.62 1.04 -21.77
N ILE F 16 -19.59 0.17 -21.47
CA ILE F 16 -20.99 0.54 -21.61
C ILE F 16 -21.34 1.67 -20.66
N ARG F 17 -20.97 1.52 -19.39
CA ARG F 17 -21.30 2.52 -18.40
C ARG F 17 -20.71 3.88 -18.72
N LYS F 18 -19.50 3.89 -19.25
CA LYS F 18 -18.82 5.15 -19.54
C LYS F 18 -19.36 5.79 -20.81
N LYS F 19 -19.44 5.01 -21.89
CA LYS F 19 -19.93 5.52 -23.17
C LYS F 19 -21.45 5.44 -23.24
#